data_9GAD
#
_entry.id   9GAD
#
_cell.length_a   54.396
_cell.length_b   55.396
_cell.length_c   81.658
_cell.angle_alpha   75.740
_cell.angle_beta   72.011
_cell.angle_gamma   60.820
#
_symmetry.space_group_name_H-M   'P 1'
#
loop_
_entity.id
_entity.type
_entity.pdbx_description
1 polymer 'SAM-AMP Lyase'
2 non-polymer (4S)-2-METHYL-2,4-PENTANEDIOL
3 water water
#
_entity_poly.entity_id   1
_entity_poly.type   'polypeptide(L)'
_entity_poly.pdbx_seq_one_letter_code
;GANAMAHMGKTLRFEIVSGVNKGYFHTNSQSESLDLVGGIWQKIAKEEFEKSNIYVSAVIKPSKTVYNQEWGCPENGEET
VVLTGVANEEFVDDIEKWKDTVIKLAKELKNQMKQSTLTCEFIETELHYFK
;
_entity_poly.pdbx_strand_id   A,B,C,D,E,F
#
loop_
_chem_comp.id
_chem_comp.type
_chem_comp.name
_chem_comp.formula
MPD non-polymer (4S)-2-METHYL-2,4-PENTANEDIOL 'C6 H14 O2'
#
# COMPACT_ATOMS: atom_id res chain seq x y z
N GLY A 9 1.64 -10.58 8.93
CA GLY A 9 1.41 -11.38 7.71
C GLY A 9 0.05 -11.08 7.07
N LYS A 10 0.03 -11.02 5.74
CA LYS A 10 -1.19 -10.80 4.99
C LYS A 10 -1.78 -12.14 4.57
N THR A 11 -3.06 -12.14 4.17
CA THR A 11 -3.66 -13.24 3.42
C THR A 11 -4.67 -12.64 2.42
N LEU A 12 -5.55 -13.50 1.90
CA LEU A 12 -6.56 -13.10 0.91
C LEU A 12 -7.96 -13.46 1.44
N ARG A 13 -8.93 -12.58 1.15
CA ARG A 13 -10.34 -12.91 1.17
C ARG A 13 -10.89 -12.86 -0.25
N PHE A 14 -11.98 -13.62 -0.46
CA PHE A 14 -12.68 -13.64 -1.73
C PHE A 14 -14.11 -13.13 -1.51
N GLU A 15 -14.70 -12.58 -2.57
CA GLU A 15 -16.12 -12.24 -2.57
C GLU A 15 -16.74 -12.52 -3.93
N ILE A 16 -17.85 -13.27 -3.90
CA ILE A 16 -18.62 -13.67 -5.07
C ILE A 16 -20.02 -13.06 -4.97
N VAL A 17 -20.57 -12.60 -6.11
CA VAL A 17 -21.97 -12.24 -6.20
C VAL A 17 -22.67 -13.16 -7.19
N SER A 18 -23.77 -13.78 -6.72
CA SER A 18 -24.55 -14.69 -7.56
C SER A 18 -26.03 -14.31 -7.55
N GLY A 19 -26.69 -14.51 -8.68
CA GLY A 19 -28.14 -14.53 -8.71
C GLY A 19 -28.69 -15.80 -8.08
N VAL A 20 -30.04 -15.86 -7.96
CA VAL A 20 -30.73 -16.93 -7.25
C VAL A 20 -31.70 -17.67 -8.16
N ASN A 21 -31.85 -17.24 -9.42
CA ASN A 21 -32.60 -17.93 -10.46
C ASN A 21 -33.98 -18.42 -9.98
N LYS A 22 -34.87 -17.46 -9.76
CA LYS A 22 -36.24 -17.76 -9.34
C LYS A 22 -36.95 -18.59 -10.42
N GLY A 23 -36.57 -18.36 -11.69
CA GLY A 23 -37.20 -19.06 -12.81
C GLY A 23 -37.06 -20.58 -12.66
N TYR A 24 -36.01 -21.01 -11.96
CA TYR A 24 -35.66 -22.43 -11.85
C TYR A 24 -35.92 -22.97 -10.45
N PHE A 25 -35.64 -22.20 -9.39
CA PHE A 25 -35.73 -22.70 -8.02
C PHE A 25 -37.01 -22.27 -7.29
N HIS A 26 -37.63 -21.16 -7.72
CA HIS A 26 -38.97 -20.80 -7.26
C HIS A 26 -39.05 -20.47 -5.76
N THR A 27 -37.99 -19.88 -5.21
CA THR A 27 -38.05 -19.33 -3.85
C THR A 27 -38.97 -18.12 -3.84
N ASN A 28 -39.55 -17.82 -2.67
CA ASN A 28 -40.56 -16.79 -2.50
C ASN A 28 -40.11 -15.62 -1.63
N SER A 29 -38.91 -15.67 -1.04
CA SER A 29 -38.43 -14.56 -0.23
C SER A 29 -36.90 -14.55 -0.18
N GLN A 30 -36.32 -13.45 0.28
CA GLN A 30 -34.88 -13.34 0.50
C GLN A 30 -34.40 -14.31 1.58
N SER A 31 -35.24 -14.58 2.60
CA SER A 31 -34.92 -15.62 3.58
C SER A 31 -34.77 -16.99 2.93
N GLU A 32 -35.68 -17.32 2.01
CA GLU A 32 -35.68 -18.63 1.36
C GLU A 32 -34.50 -18.72 0.37
N SER A 33 -34.20 -17.64 -0.35
CA SER A 33 -33.11 -17.70 -1.31
C SER A 33 -31.75 -17.72 -0.60
N LEU A 34 -31.67 -17.15 0.62
CA LEU A 34 -30.46 -17.21 1.42
C LEU A 34 -30.18 -18.67 1.79
N ASP A 35 -31.23 -19.39 2.23
CA ASP A 35 -31.10 -20.80 2.59
C ASP A 35 -30.76 -21.67 1.39
N LEU A 36 -31.36 -21.39 0.23
CA LEU A 36 -31.08 -22.10 -1.01
C LEU A 36 -29.59 -22.03 -1.33
N VAL A 37 -29.04 -20.81 -1.38
CA VAL A 37 -27.63 -20.63 -1.76
C VAL A 37 -26.73 -21.21 -0.67
N GLY A 38 -27.11 -21.06 0.59
CA GLY A 38 -26.36 -21.64 1.69
C GLY A 38 -26.22 -23.17 1.53
N GLY A 39 -27.32 -23.84 1.21
CA GLY A 39 -27.30 -25.29 1.03
C GLY A 39 -26.49 -25.72 -0.19
N ILE A 40 -26.60 -24.99 -1.32
CA ILE A 40 -25.83 -25.30 -2.52
C ILE A 40 -24.34 -25.11 -2.24
N TRP A 41 -23.94 -23.99 -1.61
CA TRP A 41 -22.53 -23.78 -1.26
C TRP A 41 -22.01 -24.91 -0.35
N GLN A 42 -22.79 -25.28 0.66
CA GLN A 42 -22.39 -26.33 1.59
C GLN A 42 -22.07 -27.64 0.83
N LYS A 43 -22.90 -27.97 -0.16
CA LYS A 43 -22.73 -29.20 -0.93
C LYS A 43 -21.53 -29.14 -1.85
N ILE A 44 -21.31 -28.01 -2.55
CA ILE A 44 -20.20 -27.93 -3.48
C ILE A 44 -18.89 -27.82 -2.71
N ALA A 45 -18.86 -27.16 -1.55
CA ALA A 45 -17.63 -27.03 -0.77
C ALA A 45 -17.24 -28.40 -0.22
N LYS A 46 -18.24 -29.19 0.19
CA LYS A 46 -17.97 -30.52 0.72
C LYS A 46 -17.39 -31.42 -0.38
N GLU A 47 -17.99 -31.41 -1.56
CA GLU A 47 -17.54 -32.19 -2.71
C GLU A 47 -16.09 -31.84 -3.06
N GLU A 48 -15.76 -30.53 -3.04
CA GLU A 48 -14.42 -30.11 -3.37
C GLU A 48 -13.44 -30.53 -2.28
N PHE A 49 -13.85 -30.44 -1.00
CA PHE A 49 -12.98 -30.80 0.10
C PHE A 49 -12.61 -32.31 0.01
N GLU A 50 -13.56 -33.12 -0.43
CA GLU A 50 -13.32 -34.57 -0.60
C GLU A 50 -12.24 -34.83 -1.67
N LYS A 51 -12.11 -33.94 -2.67
CA LYS A 51 -11.13 -34.09 -3.73
C LYS A 51 -9.77 -33.53 -3.35
N SER A 52 -9.72 -32.33 -2.72
CA SER A 52 -8.48 -31.59 -2.59
C SER A 52 -8.04 -31.43 -1.13
N ASN A 53 -8.92 -31.74 -0.18
CA ASN A 53 -8.68 -31.55 1.25
C ASN A 53 -8.60 -30.06 1.60
N ILE A 54 -9.20 -29.19 0.77
CA ILE A 54 -9.31 -27.77 1.06
C ILE A 54 -10.79 -27.43 1.20
N TYR A 55 -11.18 -27.00 2.41
CA TYR A 55 -12.56 -26.64 2.71
C TYR A 55 -12.72 -25.10 2.69
N VAL A 56 -13.57 -24.60 1.80
CA VAL A 56 -13.74 -23.15 1.63
C VAL A 56 -15.09 -22.77 2.24
N SER A 57 -15.05 -22.26 3.47
CA SER A 57 -16.21 -21.69 4.14
CA SER A 57 -16.21 -21.69 4.14
C SER A 57 -16.58 -20.34 3.54
N ALA A 58 -17.85 -19.94 3.68
CA ALA A 58 -18.34 -18.65 3.19
C ALA A 58 -19.37 -18.04 4.15
N VAL A 59 -19.29 -16.72 4.32
CA VAL A 59 -20.33 -15.94 4.98
C VAL A 59 -21.23 -15.35 3.89
N ILE A 60 -22.55 -15.57 3.99
CA ILE A 60 -23.48 -15.23 2.92
C ILE A 60 -24.45 -14.18 3.40
N LYS A 61 -24.68 -13.17 2.54
CA LYS A 61 -25.52 -12.03 2.85
C LYS A 61 -26.63 -11.90 1.80
N PRO A 62 -27.86 -11.54 2.20
CA PRO A 62 -28.91 -11.17 1.24
C PRO A 62 -28.62 -9.81 0.65
N SER A 63 -29.09 -9.59 -0.60
CA SER A 63 -28.80 -8.39 -1.36
C SER A 63 -29.72 -8.26 -2.55
N LYS A 64 -29.67 -7.08 -3.17
CA LYS A 64 -30.21 -6.88 -4.51
C LYS A 64 -29.17 -6.17 -5.36
N THR A 65 -29.04 -6.56 -6.64
CA THR A 65 -28.05 -5.98 -7.52
C THR A 65 -28.74 -5.12 -8.59
N VAL A 66 -28.31 -3.84 -8.67
CA VAL A 66 -28.91 -2.85 -9.55
C VAL A 66 -28.01 -2.68 -10.76
N TYR A 67 -28.57 -2.94 -11.96
CA TYR A 67 -27.88 -2.64 -13.21
C TYR A 67 -28.94 -2.17 -14.21
N ASN A 68 -28.50 -1.94 -15.44
CA ASN A 68 -29.35 -1.31 -16.45
C ASN A 68 -30.51 -2.23 -16.81
N GLN A 69 -31.75 -1.70 -16.71
CA GLN A 69 -32.96 -2.43 -17.06
C GLN A 69 -32.91 -2.91 -18.52
N GLU A 70 -32.16 -2.20 -19.38
CA GLU A 70 -32.05 -2.56 -20.78
C GLU A 70 -31.18 -3.79 -20.98
N TRP A 71 -30.43 -4.23 -19.95
CA TRP A 71 -29.69 -5.47 -20.02
C TRP A 71 -30.42 -6.57 -19.23
N GLY A 72 -31.65 -6.30 -18.79
CA GLY A 72 -32.53 -7.32 -18.21
C GLY A 72 -32.73 -7.20 -16.70
N CYS A 73 -32.12 -6.19 -16.04
CA CYS A 73 -32.31 -6.01 -14.61
C CYS A 73 -33.78 -5.70 -14.34
N PRO A 74 -34.44 -6.36 -13.37
CA PRO A 74 -35.76 -5.93 -12.92
C PRO A 74 -35.75 -4.52 -12.33
N GLU A 75 -36.93 -3.89 -12.34
CA GLU A 75 -37.12 -2.62 -11.65
C GLU A 75 -36.75 -2.77 -10.18
N ASN A 76 -35.86 -1.88 -9.68
CA ASN A 76 -35.44 -1.82 -8.29
C ASN A 76 -34.34 -2.84 -7.97
N GLY A 77 -33.93 -3.68 -8.93
CA GLY A 77 -32.77 -4.55 -8.77
C GLY A 77 -33.15 -6.04 -8.78
N GLU A 78 -32.15 -6.88 -9.02
CA GLU A 78 -32.28 -8.33 -9.05
C GLU A 78 -31.86 -8.95 -7.71
N GLU A 79 -32.65 -9.93 -7.23
CA GLU A 79 -32.32 -10.61 -5.97
C GLU A 79 -31.01 -11.39 -6.12
N THR A 80 -30.07 -11.18 -5.20
CA THR A 80 -28.74 -11.77 -5.27
C THR A 80 -28.27 -12.18 -3.86
N VAL A 81 -27.21 -12.98 -3.81
CA VAL A 81 -26.51 -13.35 -2.60
C VAL A 81 -25.03 -13.02 -2.76
N VAL A 82 -24.42 -12.48 -1.70
CA VAL A 82 -22.98 -12.19 -1.66
C VAL A 82 -22.29 -13.20 -0.74
N LEU A 83 -21.26 -13.88 -1.24
CA LEU A 83 -20.53 -14.90 -0.49
C LEU A 83 -19.09 -14.44 -0.28
N THR A 84 -18.61 -14.46 0.97
CA THR A 84 -17.30 -13.93 1.30
C THR A 84 -16.57 -14.91 2.20
N GLY A 85 -15.29 -15.18 1.91
CA GLY A 85 -14.49 -16.06 2.77
C GLY A 85 -13.02 -15.67 2.81
N VAL A 86 -12.19 -16.39 3.58
CA VAL A 86 -10.79 -16.00 3.80
C VAL A 86 -9.92 -17.25 3.84
N ALA A 87 -8.63 -17.09 3.47
CA ALA A 87 -7.63 -18.13 3.66
C ALA A 87 -7.01 -17.98 5.05
N ASN A 88 -7.50 -18.79 5.99
CA ASN A 88 -7.08 -18.75 7.39
C ASN A 88 -5.84 -19.63 7.53
N GLU A 89 -4.72 -19.03 7.95
CA GLU A 89 -3.44 -19.74 8.02
C GLU A 89 -3.50 -20.94 8.97
N GLU A 90 -4.49 -20.99 9.87
CA GLU A 90 -4.62 -22.13 10.75
C GLU A 90 -5.07 -23.39 10.02
N PHE A 91 -5.78 -23.22 8.90
CA PHE A 91 -6.32 -24.33 8.13
C PHE A 91 -5.69 -24.43 6.75
N VAL A 92 -5.02 -23.37 6.26
CA VAL A 92 -4.54 -23.31 4.88
C VAL A 92 -3.01 -23.17 4.87
N ASP A 93 -2.35 -24.05 4.11
CA ASP A 93 -0.90 -24.14 4.01
C ASP A 93 -0.37 -23.42 2.76
N ASP A 94 -1.17 -23.41 1.69
CA ASP A 94 -0.71 -22.99 0.39
C ASP A 94 -1.77 -22.08 -0.23
N ILE A 95 -1.41 -20.79 -0.35
CA ILE A 95 -2.36 -19.77 -0.76
C ILE A 95 -2.72 -19.96 -2.24
N GLU A 96 -1.74 -20.37 -3.06
CA GLU A 96 -1.98 -20.53 -4.50
C GLU A 96 -2.99 -21.67 -4.73
N LYS A 97 -2.85 -22.78 -4.01
CA LYS A 97 -3.78 -23.91 -4.12
C LYS A 97 -5.20 -23.49 -3.68
N TRP A 98 -5.28 -22.73 -2.58
CA TRP A 98 -6.54 -22.21 -2.09
C TRP A 98 -7.22 -21.32 -3.14
N LYS A 99 -6.46 -20.41 -3.74
CA LYS A 99 -7.00 -19.49 -4.73
C LYS A 99 -7.55 -20.27 -5.92
N ASP A 100 -6.80 -21.27 -6.40
CA ASP A 100 -7.25 -22.15 -7.47
C ASP A 100 -8.56 -22.85 -7.09
N THR A 101 -8.68 -23.28 -5.83
CA THR A 101 -9.89 -23.94 -5.34
C THR A 101 -11.10 -23.00 -5.30
N VAL A 102 -10.88 -21.74 -4.86
CA VAL A 102 -11.96 -20.77 -4.85
C VAL A 102 -12.47 -20.53 -6.27
N ILE A 103 -11.57 -20.37 -7.26
CA ILE A 103 -11.94 -20.17 -8.65
C ILE A 103 -12.77 -21.35 -9.17
N LYS A 104 -12.34 -22.58 -8.85
CA LYS A 104 -13.12 -23.78 -9.19
C LYS A 104 -14.54 -23.73 -8.64
N LEU A 105 -14.68 -23.36 -7.37
CA LEU A 105 -15.97 -23.30 -6.71
C LEU A 105 -16.85 -22.20 -7.30
N ALA A 106 -16.22 -21.04 -7.66
CA ALA A 106 -16.96 -19.96 -8.27
C ALA A 106 -17.61 -20.41 -9.59
N LYS A 107 -16.82 -21.11 -10.42
CA LYS A 107 -17.33 -21.64 -11.67
C LYS A 107 -18.45 -22.67 -11.44
N GLU A 108 -18.26 -23.55 -10.45
CA GLU A 108 -19.28 -24.55 -10.12
C GLU A 108 -20.56 -23.89 -9.65
N LEU A 109 -20.46 -22.81 -8.85
CA LEU A 109 -21.65 -22.12 -8.38
C LEU A 109 -22.37 -21.47 -9.56
N LYS A 110 -21.60 -20.91 -10.49
CA LYS A 110 -22.17 -20.27 -11.67
C LYS A 110 -23.05 -21.29 -12.44
N ASN A 111 -22.54 -22.50 -12.57
CA ASN A 111 -23.23 -23.61 -13.22
C ASN A 111 -24.49 -24.04 -12.45
N GLN A 112 -24.35 -24.31 -11.16
CA GLN A 112 -25.47 -24.77 -10.32
C GLN A 112 -26.62 -23.77 -10.27
N MET A 113 -26.29 -22.46 -10.26
CA MET A 113 -27.30 -21.43 -10.16
C MET A 113 -27.78 -21.01 -11.54
N LYS A 114 -27.23 -21.61 -12.59
CA LYS A 114 -27.56 -21.31 -13.98
C LYS A 114 -27.47 -19.81 -14.25
N GLN A 115 -26.30 -19.24 -13.91
CA GLN A 115 -26.06 -17.82 -14.10
C GLN A 115 -25.26 -17.59 -15.38
N SER A 116 -25.61 -16.52 -16.11
CA SER A 116 -24.93 -16.19 -17.37
CA SER A 116 -24.92 -16.21 -17.37
C SER A 116 -23.54 -15.62 -17.10
N THR A 117 -23.42 -14.84 -16.02
CA THR A 117 -22.15 -14.22 -15.62
C THR A 117 -21.99 -14.34 -14.10
N LEU A 118 -20.73 -14.27 -13.63
CA LEU A 118 -20.47 -14.32 -12.18
C LEU A 118 -19.14 -13.61 -11.90
N THR A 119 -19.07 -12.88 -10.78
CA THR A 119 -17.85 -12.19 -10.34
C THR A 119 -17.26 -12.88 -9.11
N CYS A 120 -15.92 -12.97 -9.13
CA CYS A 120 -15.17 -13.37 -7.94
C CYS A 120 -13.96 -12.44 -7.74
N GLU A 121 -13.90 -11.75 -6.60
CA GLU A 121 -12.84 -10.81 -6.28
C GLU A 121 -11.95 -11.36 -5.20
N PHE A 122 -10.64 -11.06 -5.28
CA PHE A 122 -9.68 -11.30 -4.22
C PHE A 122 -9.16 -9.96 -3.70
N ILE A 123 -9.17 -9.83 -2.37
CA ILE A 123 -8.78 -8.62 -1.64
C ILE A 123 -7.76 -9.00 -0.56
N GLU A 124 -6.67 -8.22 -0.46
CA GLU A 124 -5.67 -8.43 0.57
C GLU A 124 -6.22 -8.02 1.94
N THR A 125 -5.93 -8.86 2.95
CA THR A 125 -6.46 -8.69 4.29
C THR A 125 -5.47 -9.19 5.32
N GLU A 126 -5.56 -8.59 6.52
CA GLU A 126 -4.76 -9.00 7.69
C GLU A 126 -5.72 -9.64 8.69
N LEU A 127 -5.64 -10.98 8.83
CA LEU A 127 -6.58 -11.75 9.62
C LEU A 127 -6.06 -11.98 11.04
N HIS A 128 -6.86 -11.58 12.02
CA HIS A 128 -6.68 -11.94 13.42
C HIS A 128 -7.74 -12.96 13.81
N TYR A 129 -7.29 -14.15 14.26
CA TYR A 129 -8.18 -15.26 14.59
C TYR A 129 -8.10 -15.54 16.09
N PHE A 130 -9.23 -15.40 16.80
CA PHE A 130 -9.25 -15.52 18.25
C PHE A 130 -9.93 -16.85 18.61
N LYS A 131 -9.26 -17.67 19.43
CA LYS A 131 -9.73 -19.01 19.81
C LYS A 131 -9.75 -19.17 21.33
N GLY B 9 6.93 -8.04 8.79
CA GLY B 9 6.99 -6.83 9.63
C GLY B 9 7.69 -5.65 8.93
N LYS B 10 7.08 -4.47 9.03
CA LYS B 10 7.58 -3.26 8.43
C LYS B 10 8.41 -2.47 9.44
N THR B 11 9.23 -1.55 8.95
CA THR B 11 9.85 -0.52 9.78
C THR B 11 9.97 0.75 8.94
N LEU B 12 10.83 1.69 9.42
CA LEU B 12 11.03 2.98 8.78
C LEU B 12 12.52 3.15 8.47
N ARG B 13 12.81 3.78 7.31
CA ARG B 13 14.08 4.39 7.06
C ARG B 13 13.90 5.91 7.00
N PHE B 14 15.01 6.61 7.27
CA PHE B 14 15.07 8.05 7.12
C PHE B 14 16.09 8.42 6.04
N GLU B 15 15.90 9.60 5.43
CA GLU B 15 16.88 10.19 4.53
C GLU B 15 16.92 11.72 4.72
N ILE B 16 18.12 12.22 5.00
CA ILE B 16 18.42 13.63 5.18
C ILE B 16 19.30 14.12 4.03
N VAL B 17 19.06 15.36 3.57
CA VAL B 17 19.95 16.03 2.64
C VAL B 17 20.48 17.31 3.29
N SER B 18 21.81 17.45 3.31
CA SER B 18 22.47 18.61 3.89
C SER B 18 23.51 19.20 2.96
N GLY B 19 23.66 20.54 3.00
CA GLY B 19 24.84 21.19 2.45
C GLY B 19 26.08 20.91 3.28
N VAL B 20 27.23 21.38 2.77
CA VAL B 20 28.54 21.08 3.34
C VAL B 20 29.30 22.39 3.68
N ASN B 21 28.72 23.55 3.36
CA ASN B 21 29.17 24.85 3.84
C ASN B 21 30.67 25.04 3.63
N LYS B 22 31.07 25.11 2.35
CA LYS B 22 32.46 25.37 1.98
C LYS B 22 32.89 26.73 2.54
N GLY B 23 31.96 27.69 2.64
CA GLY B 23 32.26 29.02 3.13
C GLY B 23 32.89 28.99 4.52
N TYR B 24 32.57 27.93 5.28
CA TYR B 24 32.94 27.84 6.68
C TYR B 24 33.98 26.74 6.93
N PHE B 25 33.88 25.59 6.25
CA PHE B 25 34.75 24.45 6.51
C PHE B 25 35.86 24.30 5.45
N HIS B 26 35.69 24.86 4.26
CA HIS B 26 36.75 24.98 3.28
C HIS B 26 37.26 23.64 2.74
N THR B 27 36.39 22.63 2.62
CA THR B 27 36.79 21.36 1.99
C THR B 27 37.02 21.60 0.49
N ASN B 28 37.85 20.74 -0.10
CA ASN B 28 38.33 20.92 -1.47
C ASN B 28 37.84 19.83 -2.43
N SER B 29 37.16 18.79 -1.93
CA SER B 29 36.64 17.74 -2.79
C SER B 29 35.44 17.08 -2.13
N GLN B 30 34.69 16.30 -2.93
CA GLN B 30 33.56 15.52 -2.43
C GLN B 30 34.03 14.43 -1.48
N SER B 31 35.23 13.89 -1.69
CA SER B 31 35.84 12.95 -0.76
C SER B 31 36.05 13.59 0.62
N GLU B 32 36.55 14.84 0.62
CA GLU B 32 36.83 15.55 1.86
C GLU B 32 35.52 15.95 2.57
N SER B 33 34.51 16.37 1.80
CA SER B 33 33.26 16.80 2.43
C SER B 33 32.49 15.58 2.96
N LEU B 34 32.68 14.40 2.36
CA LEU B 34 32.09 13.16 2.86
C LEU B 34 32.67 12.83 4.24
N ASP B 35 33.99 12.96 4.38
CA ASP B 35 34.65 12.70 5.66
C ASP B 35 34.24 13.72 6.73
N LEU B 36 34.13 15.00 6.34
CA LEU B 36 33.72 16.07 7.25
C LEU B 36 32.35 15.72 7.87
N VAL B 37 31.37 15.44 7.01
CA VAL B 37 30.02 15.19 7.47
C VAL B 37 29.97 13.88 8.25
N GLY B 38 30.72 12.87 7.81
CA GLY B 38 30.83 11.62 8.52
C GLY B 38 31.31 11.81 9.96
N GLY B 39 32.35 12.62 10.15
CA GLY B 39 32.87 12.89 11.49
C GLY B 39 31.87 13.65 12.36
N ILE B 40 31.19 14.65 11.81
CA ILE B 40 30.16 15.40 12.53
C ILE B 40 29.01 14.46 12.93
N TRP B 41 28.49 13.65 12.00
CA TRP B 41 27.44 12.68 12.33
C TRP B 41 27.86 11.74 13.44
N GLN B 42 29.08 11.19 13.34
CA GLN B 42 29.58 10.27 14.35
C GLN B 42 29.55 10.90 15.75
N LYS B 43 29.93 12.18 15.85
CA LYS B 43 29.99 12.87 17.15
C LYS B 43 28.58 13.14 17.68
N ILE B 44 27.66 13.59 16.83
CA ILE B 44 26.33 13.93 17.34
C ILE B 44 25.54 12.66 17.64
N ALA B 45 25.76 11.56 16.90
CA ALA B 45 25.07 10.31 17.18
C ALA B 45 25.54 9.75 18.50
N LYS B 46 26.84 9.88 18.76
CA LYS B 46 27.41 9.38 20.02
C LYS B 46 26.84 10.15 21.20
N GLU B 47 26.81 11.48 21.11
CA GLU B 47 26.27 12.36 22.16
C GLU B 47 24.83 12.00 22.47
N GLU B 48 24.02 11.76 21.41
CA GLU B 48 22.62 11.42 21.61
C GLU B 48 22.50 10.03 22.24
N PHE B 49 23.34 9.08 21.82
CA PHE B 49 23.25 7.73 22.35
C PHE B 49 23.56 7.72 23.85
N GLU B 50 24.49 8.59 24.28
CA GLU B 50 24.83 8.70 25.70
C GLU B 50 23.63 9.19 26.53
N LYS B 51 22.70 9.97 25.92
CA LYS B 51 21.53 10.49 26.60
C LYS B 51 20.37 9.50 26.59
N SER B 52 20.09 8.87 25.43
CA SER B 52 18.83 8.15 25.23
C SER B 52 19.04 6.65 25.06
N ASN B 53 20.29 6.20 24.86
CA ASN B 53 20.61 4.82 24.57
C ASN B 53 20.07 4.38 23.21
N ILE B 54 19.83 5.34 22.30
CA ILE B 54 19.43 5.05 20.93
C ILE B 54 20.55 5.55 20.01
N TYR B 55 21.16 4.61 19.28
CA TYR B 55 22.25 4.90 18.36
C TYR B 55 21.72 4.93 16.92
N VAL B 56 21.84 6.07 16.25
CA VAL B 56 21.33 6.22 14.88
C VAL B 56 22.51 6.22 13.91
N SER B 57 22.74 5.05 13.31
CA SER B 57 23.71 4.90 12.24
CA SER B 57 23.71 4.88 12.23
C SER B 57 23.20 5.51 10.94
N ALA B 58 24.13 5.92 10.06
CA ALA B 58 23.78 6.50 8.75
C ALA B 58 24.77 6.06 7.67
N VAL B 59 24.21 5.78 6.48
CA VAL B 59 25.00 5.62 5.25
C VAL B 59 25.02 6.95 4.54
N ILE B 60 26.21 7.45 4.17
CA ILE B 60 26.36 8.80 3.65
CA ILE B 60 26.36 8.80 3.65
C ILE B 60 26.88 8.70 2.22
N LYS B 61 26.24 9.46 1.31
CA LYS B 61 26.56 9.42 -0.12
C LYS B 61 26.91 10.82 -0.62
N PRO B 62 27.90 10.95 -1.55
CA PRO B 62 28.23 12.24 -2.14
C PRO B 62 27.16 12.59 -3.17
N SER B 63 26.96 13.90 -3.38
CA SER B 63 25.88 14.35 -4.26
C SER B 63 26.05 15.82 -4.59
N LYS B 64 25.22 16.29 -5.55
CA LYS B 64 25.01 17.70 -5.77
C LYS B 64 23.50 17.95 -5.84
N THR B 65 23.04 19.10 -5.33
CA THR B 65 21.63 19.43 -5.34
C THR B 65 21.43 20.61 -6.32
N VAL B 66 20.56 20.38 -7.32
CA VAL B 66 20.24 21.35 -8.36
C VAL B 66 18.93 22.03 -8.02
N TYR B 67 18.99 23.36 -7.88
CA TYR B 67 17.79 24.17 -7.71
C TYR B 67 18.02 25.50 -8.44
N ASN B 68 17.04 26.41 -8.33
CA ASN B 68 17.01 27.64 -9.10
C ASN B 68 18.21 28.52 -8.72
N GLN B 69 19.01 28.91 -9.72
CA GLN B 69 20.14 29.79 -9.54
C GLN B 69 19.72 31.13 -8.93
N GLU B 70 18.46 31.54 -9.14
CA GLU B 70 17.96 32.78 -8.59
C GLU B 70 17.71 32.69 -7.10
N TRP B 71 17.73 31.47 -6.51
CA TRP B 71 17.64 31.31 -5.07
C TRP B 71 19.02 31.01 -4.49
N GLY B 72 20.09 31.12 -5.30
CA GLY B 72 21.46 31.04 -4.83
C GLY B 72 22.20 29.76 -5.22
N CYS B 73 21.54 28.84 -5.94
CA CYS B 73 22.20 27.60 -6.35
C CYS B 73 23.33 27.94 -7.31
N PRO B 74 24.57 27.41 -7.11
CA PRO B 74 25.60 27.53 -8.14
C PRO B 74 25.21 26.84 -9.44
N GLU B 75 25.87 27.26 -10.54
CA GLU B 75 25.73 26.60 -11.82
C GLU B 75 26.11 25.13 -11.68
N ASN B 76 25.23 24.24 -12.14
CA ASN B 76 25.42 22.79 -12.16
C ASN B 76 25.14 22.13 -10.78
N GLY B 77 24.79 22.92 -9.76
CA GLY B 77 24.34 22.38 -8.49
C GLY B 77 25.28 22.69 -7.33
N GLU B 78 24.75 22.57 -6.10
CA GLU B 78 25.45 22.79 -4.86
C GLU B 78 25.89 21.46 -4.27
N GLU B 79 27.14 21.40 -3.77
CA GLU B 79 27.66 20.19 -3.13
C GLU B 79 26.85 19.84 -1.89
N THR B 80 26.40 18.58 -1.79
CA THR B 80 25.54 18.12 -0.71
C THR B 80 25.95 16.70 -0.33
N VAL B 81 25.44 16.25 0.81
CA VAL B 81 25.54 14.87 1.28
C VAL B 81 24.15 14.33 1.60
N VAL B 82 23.93 13.05 1.29
CA VAL B 82 22.68 12.36 1.61
C VAL B 82 22.96 11.32 2.69
N LEU B 83 22.21 11.38 3.81
CA LEU B 83 22.39 10.47 4.93
C LEU B 83 21.13 9.60 5.06
N THR B 84 21.29 8.27 5.11
CA THR B 84 20.17 7.35 5.11
C THR B 84 20.38 6.30 6.19
N GLY B 85 19.35 6.02 6.99
CA GLY B 85 19.45 4.95 8.00
C GLY B 85 18.10 4.25 8.22
N VAL B 86 18.09 3.24 9.12
CA VAL B 86 16.89 2.43 9.32
C VAL B 86 16.73 2.10 10.80
N ALA B 87 15.48 1.85 11.22
CA ALA B 87 15.19 1.34 12.55
C ALA B 87 15.24 -0.19 12.51
N ASN B 88 16.39 -0.74 12.93
CA ASN B 88 16.66 -2.18 12.89
C ASN B 88 16.10 -2.79 14.17
N GLU B 89 15.13 -3.72 14.02
CA GLU B 89 14.42 -4.31 15.15
C GLU B 89 15.38 -5.02 16.11
N GLU B 90 16.58 -5.39 15.64
CA GLU B 90 17.53 -6.05 16.52
C GLU B 90 18.10 -5.10 17.58
N PHE B 91 18.12 -3.80 17.27
CA PHE B 91 18.68 -2.80 18.16
C PHE B 91 17.62 -1.83 18.69
N VAL B 92 16.44 -1.76 18.06
CA VAL B 92 15.43 -0.75 18.39
C VAL B 92 14.14 -1.41 18.85
N ASP B 93 13.60 -0.98 20.02
CA ASP B 93 12.36 -1.51 20.58
C ASP B 93 11.15 -0.65 20.28
N ASP B 94 11.36 0.67 20.13
CA ASP B 94 10.26 1.63 20.12
C ASP B 94 10.46 2.59 18.95
N ILE B 95 9.58 2.47 17.96
CA ILE B 95 9.73 3.19 16.70
C ILE B 95 9.48 4.68 16.92
N GLU B 96 8.55 5.03 17.81
CA GLU B 96 8.20 6.42 18.05
C GLU B 96 9.38 7.14 18.69
N LYS B 97 10.05 6.51 19.66
CA LYS B 97 11.21 7.11 20.32
C LYS B 97 12.36 7.28 19.31
N TRP B 98 12.56 6.27 18.45
CA TRP B 98 13.57 6.34 17.39
C TRP B 98 13.31 7.51 16.45
N LYS B 99 12.06 7.67 16.01
CA LYS B 99 11.70 8.73 15.09
C LYS B 99 11.98 10.10 15.72
N ASP B 100 11.59 10.27 17.00
CA ASP B 100 11.88 11.50 17.72
C ASP B 100 13.39 11.76 17.77
N THR B 101 14.19 10.70 17.95
CA THR B 101 15.65 10.81 18.00
C THR B 101 16.23 11.24 16.65
N VAL B 102 15.71 10.67 15.56
CA VAL B 102 16.17 11.04 14.22
C VAL B 102 15.91 12.53 13.97
N ILE B 103 14.70 13.02 14.33
CA ILE B 103 14.34 14.42 14.16
C ILE B 103 15.29 15.32 14.96
N LYS B 104 15.56 14.95 16.21
CA LYS B 104 16.54 15.68 17.04
C LYS B 104 17.91 15.80 16.35
N LEU B 105 18.40 14.69 15.80
CA LEU B 105 19.71 14.65 15.14
C LEU B 105 19.70 15.46 13.86
N ALA B 106 18.56 15.45 13.11
CA ALA B 106 18.45 16.23 11.91
C ALA B 106 18.63 17.72 12.20
N LYS B 107 17.94 18.18 13.28
CA LYS B 107 18.05 19.59 13.67
C LYS B 107 19.47 19.92 14.14
N GLU B 108 20.09 19.00 14.88
CA GLU B 108 21.46 19.20 15.36
C GLU B 108 22.44 19.27 14.19
N LEU B 109 22.23 18.45 13.16
CA LEU B 109 23.11 18.46 11.99
C LEU B 109 22.96 19.79 11.26
N LYS B 110 21.71 20.26 11.17
CA LYS B 110 21.42 21.52 10.51
C LYS B 110 22.22 22.66 11.17
N ASN B 111 22.25 22.64 12.51
CA ASN B 111 23.00 23.60 13.32
C ASN B 111 24.51 23.48 13.09
N GLN B 112 25.06 22.28 13.24
CA GLN B 112 26.49 22.06 13.11
C GLN B 112 27.03 22.40 11.72
N MET B 113 26.21 22.18 10.66
CA MET B 113 26.64 22.46 9.30
C MET B 113 26.30 23.89 8.89
N LYS B 114 25.68 24.64 9.81
CA LYS B 114 25.26 26.01 9.59
C LYS B 114 24.41 26.15 8.33
N GLN B 115 23.37 25.32 8.25
CA GLN B 115 22.49 25.31 7.09
C GLN B 115 21.23 26.11 7.38
N SER B 116 20.75 26.84 6.37
CA SER B 116 19.54 27.63 6.46
C SER B 116 18.31 26.71 6.46
N THR B 117 18.37 25.62 5.67
CA THR B 117 17.27 24.68 5.53
C THR B 117 17.84 23.27 5.52
N LEU B 118 16.99 22.28 5.86
CA LEU B 118 17.36 20.88 5.86
C LEU B 118 16.10 20.02 5.76
N THR B 119 16.17 18.90 5.02
CA THR B 119 15.04 17.98 4.86
C THR B 119 15.36 16.65 5.56
N CYS B 120 14.30 16.05 6.13
CA CYS B 120 14.36 14.69 6.67
C CYS B 120 13.08 13.95 6.29
N GLU B 121 13.23 12.82 5.57
CA GLU B 121 12.08 12.04 5.08
C GLU B 121 12.07 10.70 5.81
N PHE B 122 10.83 10.20 6.07
CA PHE B 122 10.62 8.84 6.55
C PHE B 122 9.85 8.06 5.47
N ILE B 123 10.36 6.86 5.18
CA ILE B 123 9.82 5.95 4.17
C ILE B 123 9.63 4.56 4.80
N GLU B 124 8.48 3.94 4.55
CA GLU B 124 8.22 2.58 4.99
C GLU B 124 9.07 1.56 4.23
N THR B 125 9.63 0.59 4.97
CA THR B 125 10.54 -0.40 4.41
C THR B 125 10.40 -1.74 5.13
N GLU B 126 10.76 -2.81 4.40
CA GLU B 126 10.82 -4.18 4.94
C GLU B 126 12.28 -4.57 5.02
N LEU B 127 12.83 -4.65 6.24
CA LEU B 127 14.25 -4.89 6.47
C LEU B 127 14.53 -6.37 6.70
N HIS B 128 15.42 -6.94 5.89
CA HIS B 128 16.03 -8.23 6.13
C HIS B 128 17.47 -8.02 6.57
N TYR B 129 17.83 -8.53 7.76
CA TYR B 129 19.15 -8.36 8.35
C TYR B 129 19.82 -9.73 8.45
N PHE B 130 20.96 -9.90 7.77
CA PHE B 130 21.64 -11.18 7.69
C PHE B 130 22.91 -11.10 8.55
N LYS B 131 23.08 -12.09 9.45
CA LYS B 131 24.18 -12.12 10.42
C LYS B 131 24.94 -13.46 10.37
N GLY C 9 -3.60 9.46 1.58
CA GLY C 9 -5.07 9.45 1.71
C GLY C 9 -5.65 8.10 2.18
N LYS C 10 -4.79 7.17 2.60
CA LYS C 10 -5.23 5.83 2.92
C LYS C 10 -5.60 5.75 4.40
N THR C 11 -6.48 4.80 4.73
CA THR C 11 -6.72 4.42 6.11
C THR C 11 -7.04 2.91 6.15
N LEU C 12 -7.63 2.47 7.27
CA LEU C 12 -7.96 1.06 7.49
C LEU C 12 -9.44 0.93 7.83
N ARG C 13 -10.06 -0.18 7.33
CA ARG C 13 -11.32 -0.65 7.85
C ARG C 13 -11.09 -2.03 8.52
N PHE C 14 -11.99 -2.36 9.44
CA PHE C 14 -12.04 -3.66 10.05
C PHE C 14 -13.34 -4.37 9.67
N GLU C 15 -13.31 -5.70 9.72
CA GLU C 15 -14.50 -6.52 9.60
C GLU C 15 -14.39 -7.71 10.56
N ILE C 16 -15.44 -7.86 11.38
CA ILE C 16 -15.58 -8.93 12.37
C ILE C 16 -16.75 -9.81 11.95
N VAL C 17 -16.62 -11.14 12.16
CA VAL C 17 -17.75 -12.04 12.00
C VAL C 17 -17.97 -12.75 13.34
N SER C 18 -19.22 -12.75 13.81
CA SER C 18 -19.58 -13.34 15.09
C SER C 18 -20.83 -14.21 14.94
N GLY C 19 -20.85 -15.31 15.69
CA GLY C 19 -22.09 -16.04 15.94
C GLY C 19 -23.02 -15.23 16.85
N VAL C 20 -24.24 -15.78 17.03
CA VAL C 20 -25.30 -15.08 17.78
C VAL C 20 -25.77 -15.89 19.01
N ASN C 21 -25.22 -17.10 19.19
CA ASN C 21 -25.35 -17.91 20.39
C ASN C 21 -26.82 -18.03 20.79
N LYS C 22 -27.58 -18.74 19.96
CA LYS C 22 -28.98 -19.04 20.24
C LYS C 22 -29.10 -19.83 21.53
N GLY C 23 -28.10 -20.66 21.85
CA GLY C 23 -28.10 -21.49 23.04
C GLY C 23 -28.27 -20.64 24.31
N TYR C 24 -27.83 -19.38 24.24
CA TYR C 24 -27.77 -18.52 25.41
C TYR C 24 -28.77 -17.37 25.32
N PHE C 25 -28.95 -16.76 24.13
CA PHE C 25 -29.77 -15.56 24.01
C PHE C 25 -31.16 -15.87 23.41
N HIS C 26 -31.31 -16.99 22.69
CA HIS C 26 -32.62 -17.49 22.29
C HIS C 26 -33.35 -16.56 21.32
N THR C 27 -32.63 -15.82 20.45
CA THR C 27 -33.32 -14.94 19.50
C THR C 27 -34.11 -15.77 18.48
N ASN C 28 -35.15 -15.15 17.90
CA ASN C 28 -36.10 -15.88 17.07
C ASN C 28 -36.07 -15.46 15.59
N SER C 29 -35.28 -14.44 15.25
CA SER C 29 -35.17 -13.99 13.88
C SER C 29 -33.84 -13.27 13.69
N GLN C 30 -33.48 -13.06 12.40
CA GLN C 30 -32.28 -12.32 12.03
C GLN C 30 -32.40 -10.86 12.42
N SER C 31 -33.64 -10.32 12.40
CA SER C 31 -33.92 -8.99 12.89
C SER C 31 -33.59 -8.87 14.38
N GLU C 32 -33.97 -9.88 15.17
CA GLU C 32 -33.74 -9.86 16.61
C GLU C 32 -32.25 -10.03 16.92
N SER C 33 -31.56 -10.90 16.18
CA SER C 33 -30.14 -11.11 16.45
C SER C 33 -29.31 -9.90 16.03
N LEU C 34 -29.78 -9.15 15.01
CA LEU C 34 -29.13 -7.91 14.58
C LEU C 34 -29.21 -6.88 15.71
N ASP C 35 -30.38 -6.75 16.33
CA ASP C 35 -30.58 -5.78 17.39
C ASP C 35 -29.79 -6.17 18.64
N LEU C 36 -29.72 -7.46 18.96
CA LEU C 36 -28.93 -7.98 20.08
C LEU C 36 -27.48 -7.53 19.94
N VAL C 37 -26.87 -7.84 18.79
CA VAL C 37 -25.46 -7.55 18.58
C VAL C 37 -25.23 -6.04 18.54
N GLY C 38 -26.16 -5.32 17.89
CA GLY C 38 -26.12 -3.88 17.83
C GLY C 38 -26.07 -3.24 19.21
N GLY C 39 -26.94 -3.70 20.12
CA GLY C 39 -26.99 -3.17 21.47
C GLY C 39 -25.71 -3.47 22.28
N ILE C 40 -25.19 -4.69 22.16
CA ILE C 40 -23.95 -5.06 22.83
C ILE C 40 -22.79 -4.21 22.31
N TRP C 41 -22.65 -4.08 20.98
CA TRP C 41 -21.57 -3.26 20.42
C TRP C 41 -21.68 -1.81 20.91
N GLN C 42 -22.88 -1.25 20.90
CA GLN C 42 -23.10 0.14 21.32
C GLN C 42 -22.56 0.36 22.75
N LYS C 43 -22.83 -0.61 23.64
CA LYS C 43 -22.44 -0.48 25.04
C LYS C 43 -20.93 -0.62 25.21
N ILE C 44 -20.29 -1.57 24.50
CA ILE C 44 -18.86 -1.77 24.68
C ILE C 44 -18.08 -0.62 24.02
N ALA C 45 -18.58 -0.08 22.90
CA ALA C 45 -17.90 1.05 22.26
C ALA C 45 -17.97 2.28 23.15
N LYS C 46 -19.12 2.48 23.81
CA LYS C 46 -19.30 3.63 24.67
C LYS C 46 -18.34 3.56 25.87
N GLU C 47 -18.26 2.39 26.50
CA GLU C 47 -17.41 2.18 27.67
C GLU C 47 -15.95 2.43 27.30
N GLU C 48 -15.53 1.96 26.11
CA GLU C 48 -14.16 2.16 25.67
C GLU C 48 -13.89 3.63 25.39
N PHE C 49 -14.85 4.33 24.77
CA PHE C 49 -14.66 5.72 24.41
C PHE C 49 -14.45 6.57 25.67
N GLU C 50 -15.16 6.22 26.74
CA GLU C 50 -15.02 6.93 28.01
C GLU C 50 -13.61 6.78 28.60
N LYS C 51 -12.92 5.68 28.30
CA LYS C 51 -11.57 5.42 28.79
C LYS C 51 -10.50 6.06 27.91
N SER C 52 -10.62 5.93 26.59
CA SER C 52 -9.51 6.23 25.68
C SER C 52 -9.80 7.42 24.76
N ASN C 53 -11.05 7.89 24.71
CA ASN C 53 -11.50 8.93 23.81
C ASN C 53 -11.43 8.48 22.34
N ILE C 54 -11.47 7.17 22.10
CA ILE C 54 -11.55 6.61 20.75
C ILE C 54 -12.90 5.90 20.61
N TYR C 55 -13.75 6.40 19.70
CA TYR C 55 -15.08 5.83 19.48
C TYR C 55 -15.06 4.95 18.21
N VAL C 56 -15.37 3.64 18.34
CA VAL C 56 -15.34 2.73 17.20
C VAL C 56 -16.77 2.39 16.77
N SER C 57 -17.25 3.09 15.75
CA SER C 57 -18.54 2.83 15.12
CA SER C 57 -18.55 2.81 15.15
C SER C 57 -18.48 1.54 14.27
N ALA C 58 -19.64 0.91 14.04
CA ALA C 58 -19.73 -0.28 13.18
C ALA C 58 -21.05 -0.29 12.41
N VAL C 59 -20.98 -0.75 11.16
CA VAL C 59 -22.14 -1.11 10.37
C VAL C 59 -22.33 -2.63 10.47
N ILE C 60 -23.51 -3.10 10.83
CA ILE C 60 -23.76 -4.49 11.12
C ILE C 60 -24.75 -5.05 10.08
N LYS C 61 -24.43 -6.26 9.57
CA LYS C 61 -25.19 -6.89 8.49
C LYS C 61 -25.64 -8.29 8.94
N PRO C 62 -26.90 -8.68 8.61
CA PRO C 62 -27.37 -10.04 8.84
C PRO C 62 -26.72 -10.97 7.83
N SER C 63 -26.52 -12.24 8.23
CA SER C 63 -25.77 -13.18 7.41
C SER C 63 -25.97 -14.62 7.91
N LYS C 64 -25.47 -15.58 7.12
CA LYS C 64 -25.24 -16.94 7.59
C LYS C 64 -23.83 -17.35 7.21
N THR C 65 -23.19 -18.18 8.05
CA THR C 65 -21.86 -18.67 7.75
C THR C 65 -21.97 -20.17 7.47
N VAL C 66 -21.47 -20.59 6.30
CA VAL C 66 -21.58 -21.96 5.84
C VAL C 66 -20.23 -22.63 6.02
N TYR C 67 -20.21 -23.71 6.84
CA TYR C 67 -19.02 -24.53 7.01
C TYR C 67 -19.48 -25.99 7.14
N ASN C 68 -18.53 -26.89 7.41
CA ASN C 68 -18.78 -28.32 7.34
C ASN C 68 -19.74 -28.73 8.47
N GLN C 69 -20.84 -29.40 8.12
CA GLN C 69 -21.81 -29.92 9.07
C GLN C 69 -21.14 -30.86 10.09
N GLU C 70 -20.04 -31.50 9.70
CA GLU C 70 -19.33 -32.41 10.57
C GLU C 70 -18.57 -31.66 11.67
N TRP C 71 -18.42 -30.33 11.56
CA TRP C 71 -17.83 -29.53 12.61
C TRP C 71 -18.92 -28.76 13.37
N GLY C 72 -20.20 -29.07 13.10
CA GLY C 72 -21.32 -28.55 13.88
C GLY C 72 -22.17 -27.50 13.16
N CYS C 73 -21.82 -27.15 11.91
CA CYS C 73 -22.61 -26.15 11.19
C CYS C 73 -23.99 -26.74 10.94
N PRO C 74 -25.10 -26.01 11.18
CA PRO C 74 -26.42 -26.44 10.72
C PRO C 74 -26.50 -26.55 9.20
N GLU C 75 -27.46 -27.37 8.73
CA GLU C 75 -27.80 -27.43 7.32
C GLU C 75 -28.15 -26.02 6.81
N ASN C 76 -27.49 -25.61 5.72
CA ASN C 76 -27.72 -24.33 5.05
C ASN C 76 -27.00 -23.15 5.73
N GLY C 77 -26.28 -23.40 6.84
CA GLY C 77 -25.43 -22.37 7.45
C GLY C 77 -25.91 -21.92 8.83
N GLU C 78 -24.98 -21.34 9.61
CA GLU C 78 -25.24 -20.85 10.94
C GLU C 78 -25.49 -19.34 10.92
N GLU C 79 -26.52 -18.88 11.65
CA GLU C 79 -26.82 -17.46 11.76
C GLU C 79 -25.64 -16.69 12.36
N THR C 80 -25.23 -15.61 11.64
CA THR C 80 -24.09 -14.80 12.04
C THR C 80 -24.40 -13.32 11.79
N VAL C 81 -23.55 -12.46 12.36
CA VAL C 81 -23.56 -11.03 12.09
C VAL C 81 -22.15 -10.59 11.66
N VAL C 82 -22.09 -9.68 10.66
CA VAL C 82 -20.85 -9.09 10.19
C VAL C 82 -20.80 -7.63 10.63
N LEU C 83 -19.72 -7.22 11.31
CA LEU C 83 -19.53 -5.85 11.76
C LEU C 83 -18.37 -5.22 11.02
N THR C 84 -18.57 -4.00 10.45
CA THR C 84 -17.54 -3.38 9.63
C THR C 84 -17.44 -1.90 10.03
N GLY C 85 -16.21 -1.40 10.20
CA GLY C 85 -16.01 0.01 10.54
C GLY C 85 -14.71 0.55 9.98
N VAL C 86 -14.47 1.86 10.16
CA VAL C 86 -13.34 2.51 9.50
C VAL C 86 -12.70 3.52 10.46
N ALA C 87 -11.41 3.77 10.27
CA ALA C 87 -10.69 4.83 10.98
C ALA C 87 -10.84 6.11 10.15
N ASN C 88 -11.82 6.93 10.54
CA ASN C 88 -12.15 8.17 9.86
C ASN C 88 -11.19 9.25 10.34
N GLU C 89 -10.38 9.81 9.43
CA GLU C 89 -9.32 10.74 9.80
C GLU C 89 -9.88 11.99 10.49
N GLU C 90 -11.18 12.26 10.33
CA GLU C 90 -11.79 13.42 10.97
C GLU C 90 -11.89 13.22 12.48
N PHE C 91 -11.96 11.97 12.93
CA PHE C 91 -12.11 11.65 14.35
C PHE C 91 -10.88 10.93 14.90
N VAL C 92 -10.02 10.34 14.06
CA VAL C 92 -8.95 9.45 14.50
C VAL C 92 -7.58 10.01 14.10
N ASP C 93 -6.69 10.13 15.10
CA ASP C 93 -5.38 10.76 14.96
C ASP C 93 -4.28 9.73 14.80
N ASP C 94 -4.42 8.54 15.41
CA ASP C 94 -3.32 7.58 15.48
C ASP C 94 -3.86 6.19 15.08
N ILE C 95 -3.41 5.69 13.94
CA ILE C 95 -3.99 4.47 13.36
C ILE C 95 -3.61 3.26 14.19
N GLU C 96 -2.40 3.24 14.73
CA GLU C 96 -1.93 2.11 15.52
C GLU C 96 -2.76 1.97 16.80
N LYS C 97 -3.06 3.10 17.46
CA LYS C 97 -3.86 3.10 18.68
C LYS C 97 -5.28 2.63 18.37
N TRP C 98 -5.83 3.09 17.24
CA TRP C 98 -7.16 2.69 16.80
C TRP C 98 -7.21 1.16 16.57
N LYS C 99 -6.20 0.62 15.90
CA LYS C 99 -6.17 -0.80 15.59
C LYS C 99 -6.14 -1.61 16.89
N ASP C 100 -5.32 -1.18 17.85
CA ASP C 100 -5.27 -1.82 19.16
C ASP C 100 -6.62 -1.79 19.84
N THR C 101 -7.35 -0.66 19.72
CA THR C 101 -8.67 -0.51 20.31
C THR C 101 -9.68 -1.46 19.66
N VAL C 102 -9.64 -1.58 18.32
CA VAL C 102 -10.53 -2.50 17.61
C VAL C 102 -10.31 -3.94 18.10
N ILE C 103 -9.04 -4.36 18.24
CA ILE C 103 -8.70 -5.70 18.71
C ILE C 103 -9.26 -5.94 20.10
N LYS C 104 -9.11 -4.95 21.01
CA LYS C 104 -9.68 -5.04 22.33
C LYS C 104 -11.20 -5.25 22.30
N LEU C 105 -11.92 -4.47 21.48
CA LEU C 105 -13.36 -4.55 21.37
C LEU C 105 -13.79 -5.89 20.74
N ALA C 106 -13.02 -6.40 19.76
CA ALA C 106 -13.32 -7.69 19.14
C ALA C 106 -13.28 -8.80 20.18
N LYS C 107 -12.25 -8.80 21.03
CA LYS C 107 -12.13 -9.78 22.10
C LYS C 107 -13.26 -9.63 23.10
N GLU C 108 -13.63 -8.40 23.45
CA GLU C 108 -14.74 -8.18 24.37
C GLU C 108 -16.06 -8.67 23.77
N LEU C 109 -16.27 -8.49 22.48
CA LEU C 109 -17.48 -8.98 21.84
C LEU C 109 -17.49 -10.52 21.87
N LYS C 110 -16.34 -11.13 21.63
CA LYS C 110 -16.21 -12.58 21.68
C LYS C 110 -16.65 -13.12 23.05
N ASN C 111 -16.25 -12.42 24.10
CA ASN C 111 -16.60 -12.74 25.48
C ASN C 111 -18.10 -12.57 25.74
N GLN C 112 -18.65 -11.39 25.40
CA GLN C 112 -20.06 -11.09 25.64
C GLN C 112 -21.00 -12.02 24.86
N MET C 113 -20.60 -12.45 23.65
CA MET C 113 -21.42 -13.33 22.82
C MET C 113 -21.15 -14.79 23.13
N LYS C 114 -20.23 -15.05 24.08
CA LYS C 114 -19.81 -16.39 24.47
C LYS C 114 -19.44 -17.23 23.25
N GLN C 115 -18.54 -16.71 22.42
CA GLN C 115 -18.12 -17.40 21.22
C GLN C 115 -16.79 -18.11 21.48
N SER C 116 -16.65 -19.31 20.90
CA SER C 116 -15.43 -20.09 20.98
C SER C 116 -14.36 -19.48 20.09
N THR C 117 -14.78 -18.94 18.92
CA THR C 117 -13.89 -18.38 17.92
C THR C 117 -14.54 -17.11 17.35
N LEU C 118 -13.67 -16.22 16.86
CA LEU C 118 -14.10 -14.94 16.28
C LEU C 118 -12.99 -14.42 15.38
N THR C 119 -13.34 -13.79 14.24
CA THR C 119 -12.37 -13.25 13.30
C THR C 119 -12.45 -11.72 13.31
N CYS C 120 -11.30 -11.07 13.13
CA CYS C 120 -11.21 -9.62 12.91
C CYS C 120 -10.14 -9.37 11.83
N GLU C 121 -10.55 -8.77 10.71
CA GLU C 121 -9.66 -8.49 9.58
C GLU C 121 -9.51 -6.97 9.44
N PHE C 122 -8.31 -6.56 9.01
CA PHE C 122 -8.02 -5.18 8.61
C PHE C 122 -7.66 -5.14 7.13
N ILE C 123 -8.30 -4.19 6.43
CA ILE C 123 -8.19 -4.00 4.99
C ILE C 123 -7.89 -2.52 4.71
N GLU C 124 -6.94 -2.26 3.81
CA GLU C 124 -6.62 -0.91 3.39
C GLU C 124 -7.74 -0.31 2.56
N THR C 125 -8.07 0.98 2.83
CA THR C 125 -9.16 1.67 2.15
C THR C 125 -8.87 3.17 1.97
N GLU C 126 -9.53 3.81 1.00
CA GLU C 126 -9.47 5.25 0.78
C GLU C 126 -10.85 5.82 1.07
N LEU C 127 -10.99 6.59 2.18
CA LEU C 127 -12.26 7.05 2.69
C LEU C 127 -12.60 8.46 2.18
N HIS C 128 -13.77 8.60 1.55
CA HIS C 128 -14.38 9.91 1.30
C HIS C 128 -15.57 10.12 2.22
N TYR C 129 -15.54 11.17 3.06
CA TYR C 129 -16.59 11.46 4.02
C TYR C 129 -17.31 12.76 3.65
N PHE C 130 -18.62 12.67 3.42
CA PHE C 130 -19.42 13.79 2.95
C PHE C 130 -20.29 14.31 4.08
N LYS C 131 -20.23 15.65 4.32
CA LYS C 131 -20.87 16.30 5.45
C LYS C 131 -21.80 17.43 5.00
N ALA D 2 17.85 30.19 18.67
CA ALA D 2 17.25 31.18 17.75
C ALA D 2 15.91 30.64 17.21
N ASN D 3 15.15 31.44 16.46
CA ASN D 3 13.86 31.05 15.92
C ASN D 3 14.02 29.84 14.98
N ALA D 4 12.93 29.10 14.79
CA ALA D 4 12.94 27.85 14.01
C ALA D 4 11.51 27.47 13.62
N MET D 5 11.43 26.78 12.47
CA MET D 5 10.15 26.36 11.94
C MET D 5 10.34 24.95 11.41
N ALA D 6 9.31 24.10 11.59
CA ALA D 6 9.28 22.77 11.01
C ALA D 6 7.90 22.44 10.44
N HIS D 7 7.85 21.85 9.23
CA HIS D 7 6.61 21.41 8.59
C HIS D 7 6.75 19.93 8.27
N MET D 8 5.69 19.16 8.55
CA MET D 8 5.60 17.74 8.25
C MET D 8 4.40 17.48 7.35
N GLY D 9 4.62 16.75 6.23
CA GLY D 9 3.51 16.38 5.35
C GLY D 9 3.75 15.06 4.61
N LYS D 10 2.68 14.30 4.35
CA LYS D 10 2.73 13.13 3.49
C LYS D 10 2.79 13.58 2.03
N THR D 11 3.72 13.02 1.24
CA THR D 11 3.94 13.50 -0.12
C THR D 11 4.58 12.37 -0.94
N LEU D 12 5.16 12.74 -2.09
CA LEU D 12 5.83 11.84 -3.00
C LEU D 12 7.26 12.31 -3.25
N ARG D 13 8.18 11.33 -3.41
CA ARG D 13 9.48 11.58 -4.04
C ARG D 13 9.51 10.80 -5.36
N PHE D 14 10.39 11.28 -6.25
CA PHE D 14 10.72 10.59 -7.49
C PHE D 14 12.19 10.21 -7.50
N GLU D 15 12.50 9.16 -8.28
CA GLU D 15 13.88 8.79 -8.56
C GLU D 15 14.01 8.35 -10.04
N ILE D 16 14.97 8.98 -10.72
CA ILE D 16 15.31 8.71 -12.11
C ILE D 16 16.72 8.13 -12.17
N VAL D 17 16.95 7.18 -13.09
CA VAL D 17 18.31 6.73 -13.40
C VAL D 17 18.57 6.98 -14.88
N SER D 18 19.69 7.66 -15.20
CA SER D 18 20.07 7.98 -16.57
C SER D 18 21.52 7.58 -16.85
N GLY D 19 21.78 7.17 -18.09
CA GLY D 19 23.14 7.11 -18.60
C GLY D 19 23.70 8.50 -18.85
N VAL D 20 24.99 8.56 -19.24
CA VAL D 20 25.73 9.80 -19.40
C VAL D 20 26.27 9.98 -20.84
N ASN D 21 26.05 8.99 -21.70
CA ASN D 21 26.34 9.05 -23.13
C ASN D 21 27.72 9.64 -23.41
N LYS D 22 28.76 8.88 -23.05
CA LYS D 22 30.14 9.29 -23.28
C LYS D 22 30.39 9.39 -24.78
N GLY D 23 29.67 8.60 -25.59
CA GLY D 23 29.81 8.61 -27.03
C GLY D 23 29.59 10.01 -27.61
N TYR D 24 28.78 10.81 -26.91
CA TYR D 24 28.38 12.12 -27.38
C TYR D 24 29.00 13.26 -26.58
N PHE D 25 29.12 13.12 -25.24
CA PHE D 25 29.55 14.22 -24.39
C PHE D 25 31.02 14.10 -23.94
N HIS D 26 31.58 12.89 -23.95
CA HIS D 26 33.03 12.68 -23.79
C HIS D 26 33.57 13.08 -22.43
N THR D 27 32.78 12.96 -21.36
CA THR D 27 33.25 13.30 -20.01
C THR D 27 34.34 12.30 -19.58
N ASN D 28 35.21 12.74 -18.66
CA ASN D 28 36.43 12.01 -18.31
C ASN D 28 36.42 11.49 -16.87
N SER D 29 35.42 11.86 -16.07
CA SER D 29 35.33 11.38 -14.70
C SER D 29 33.86 11.42 -14.25
N GLN D 30 33.58 10.75 -13.11
CA GLN D 30 32.26 10.77 -12.50
C GLN D 30 31.93 12.17 -11.98
N SER D 31 32.93 12.93 -11.57
CA SER D 31 32.75 14.32 -11.18
C SER D 31 32.27 15.14 -12.37
N GLU D 32 32.86 14.91 -13.56
CA GLU D 32 32.49 15.67 -14.75
C GLU D 32 31.11 15.25 -15.25
N SER D 33 30.76 13.97 -15.18
CA SER D 33 29.45 13.53 -15.66
C SER D 33 28.35 13.99 -14.70
N LEU D 34 28.68 14.16 -13.40
CA LEU D 34 27.75 14.71 -12.43
C LEU D 34 27.42 16.16 -12.78
N ASP D 35 28.45 16.94 -13.13
CA ASP D 35 28.26 18.34 -13.50
C ASP D 35 27.49 18.47 -14.82
N LEU D 36 27.77 17.59 -15.79
CA LEU D 36 27.06 17.57 -17.07
C LEU D 36 25.56 17.40 -16.83
N VAL D 37 25.18 16.34 -16.10
CA VAL D 37 23.77 16.04 -15.88
C VAL D 37 23.12 17.12 -15.04
N GLY D 38 23.86 17.62 -14.04
CA GLY D 38 23.39 18.71 -13.20
C GLY D 38 23.03 19.94 -14.02
N GLY D 39 23.90 20.34 -14.95
CA GLY D 39 23.65 21.51 -15.79
C GLY D 39 22.46 21.31 -16.74
N ILE D 40 22.33 20.13 -17.34
CA ILE D 40 21.21 19.83 -18.22
C ILE D 40 19.90 19.88 -17.42
N TRP D 41 19.86 19.21 -16.25
CA TRP D 41 18.65 19.24 -15.43
C TRP D 41 18.29 20.68 -15.02
N GLN D 42 19.27 21.47 -14.61
CA GLN D 42 19.05 22.84 -14.19
C GLN D 42 18.35 23.63 -15.30
N LYS D 43 18.77 23.43 -16.56
CA LYS D 43 18.21 24.16 -17.70
C LYS D 43 16.78 23.73 -18.00
N ILE D 44 16.50 22.42 -17.97
CA ILE D 44 15.17 21.95 -18.29
C ILE D 44 14.19 22.31 -17.16
N ALA D 45 14.64 22.28 -15.89
CA ALA D 45 13.76 22.64 -14.78
C ALA D 45 13.46 24.14 -14.81
N LYS D 46 14.43 24.95 -15.20
CA LYS D 46 14.25 26.39 -15.26
C LYS D 46 13.22 26.75 -16.34
N GLU D 47 13.34 26.11 -17.52
CA GLU D 47 12.42 26.37 -18.63
C GLU D 47 11.00 26.01 -18.21
N GLU D 48 10.84 24.87 -17.51
CA GLU D 48 9.53 24.44 -17.06
C GLU D 48 8.96 25.41 -16.01
N PHE D 49 9.82 25.89 -15.10
CA PHE D 49 9.37 26.77 -14.02
C PHE D 49 8.81 28.08 -14.60
N GLU D 50 9.45 28.56 -15.68
CA GLU D 50 9.01 29.78 -16.33
C GLU D 50 7.61 29.62 -16.93
N LYS D 51 7.21 28.40 -17.32
CA LYS D 51 5.89 28.15 -17.88
C LYS D 51 4.83 27.91 -16.81
N SER D 52 5.14 27.09 -15.80
CA SER D 52 4.11 26.55 -14.91
C SER D 52 4.22 27.03 -13.47
N ASN D 53 5.35 27.68 -13.13
CA ASN D 53 5.65 28.08 -11.77
C ASN D 53 5.90 26.87 -10.85
N ILE D 54 6.26 25.71 -11.43
CA ILE D 54 6.66 24.54 -10.66
C ILE D 54 8.12 24.27 -10.95
N TYR D 55 8.95 24.37 -9.91
CA TYR D 55 10.39 24.14 -10.01
C TYR D 55 10.70 22.75 -9.47
N VAL D 56 11.25 21.84 -10.31
CA VAL D 56 11.51 20.48 -9.87
C VAL D 56 13.00 20.32 -9.56
N SER D 57 13.35 20.52 -8.28
CA SER D 57 14.71 20.35 -7.79
C SER D 57 15.05 18.87 -7.70
N ALA D 58 16.35 18.54 -7.79
CA ALA D 58 16.85 17.17 -7.76
C ALA D 58 18.21 17.13 -7.05
N VAL D 59 18.37 16.06 -6.26
CA VAL D 59 19.67 15.68 -5.71
C VAL D 59 20.22 14.59 -6.62
N ILE D 60 21.47 14.78 -7.09
CA ILE D 60 22.05 13.91 -8.10
C ILE D 60 23.26 13.19 -7.49
N LYS D 61 23.35 11.88 -7.73
CA LYS D 61 24.38 11.03 -7.15
C LYS D 61 25.15 10.30 -8.26
N PRO D 62 26.49 10.14 -8.12
CA PRO D 62 27.28 9.32 -9.04
C PRO D 62 26.97 7.86 -8.77
N SER D 63 27.10 7.03 -9.83
CA SER D 63 26.71 5.62 -9.74
C SER D 63 27.26 4.85 -10.94
N LYS D 64 27.15 3.52 -10.86
CA LYS D 64 27.27 2.65 -12.02
C LYS D 64 26.10 1.67 -12.01
N THR D 65 25.58 1.31 -13.21
CA THR D 65 24.45 0.42 -13.32
C THR D 65 24.93 -0.90 -13.93
N VAL D 66 24.64 -2.00 -13.22
CA VAL D 66 25.11 -3.33 -13.59
C VAL D 66 23.96 -4.12 -14.20
N TYR D 67 24.13 -4.53 -15.47
CA TYR D 67 23.13 -5.38 -16.11
C TYR D 67 23.87 -6.36 -17.04
N ASN D 68 23.11 -7.16 -17.80
CA ASN D 68 23.67 -8.28 -18.57
C ASN D 68 24.57 -7.72 -19.67
N GLN D 69 25.82 -8.20 -19.70
CA GLN D 69 26.80 -7.81 -20.71
C GLN D 69 26.30 -8.13 -22.13
N GLU D 70 25.43 -9.14 -22.25
CA GLU D 70 24.90 -9.53 -23.53
C GLU D 70 23.87 -8.53 -24.05
N TRP D 71 23.41 -7.60 -23.20
CA TRP D 71 22.54 -6.51 -23.66
C TRP D 71 23.33 -5.21 -23.76
N GLY D 72 24.66 -5.28 -23.65
CA GLY D 72 25.55 -4.15 -23.94
C GLY D 72 26.20 -3.52 -22.71
N CYS D 73 25.92 -4.02 -21.50
CA CYS D 73 26.54 -3.46 -20.31
C CYS D 73 28.04 -3.69 -20.36
N PRO D 74 28.89 -2.65 -20.11
CA PRO D 74 30.31 -2.90 -19.91
C PRO D 74 30.59 -3.79 -18.70
N GLU D 75 31.78 -4.43 -18.70
CA GLU D 75 32.27 -5.15 -17.55
C GLU D 75 32.34 -4.21 -16.34
N ASN D 76 31.74 -4.63 -15.23
CA ASN D 76 31.73 -3.91 -13.96
C ASN D 76 30.65 -2.82 -13.90
N GLY D 77 29.90 -2.60 -14.99
CA GLY D 77 28.76 -1.69 -14.99
C GLY D 77 28.97 -0.45 -15.87
N GLU D 78 27.87 0.21 -16.20
CA GLU D 78 27.83 1.43 -17.01
C GLU D 78 27.74 2.67 -16.12
N GLU D 79 28.50 3.72 -16.44
CA GLU D 79 28.44 4.98 -15.68
C GLU D 79 27.05 5.61 -15.80
N THR D 80 26.44 5.95 -14.64
CA THR D 80 25.08 6.48 -14.58
C THR D 80 25.00 7.57 -13.51
N VAL D 81 23.90 8.34 -13.55
CA VAL D 81 23.55 9.31 -12.52
C VAL D 81 22.13 9.00 -12.02
N VAL D 82 21.93 9.14 -10.69
CA VAL D 82 20.63 8.97 -10.06
C VAL D 82 20.13 10.35 -9.62
N LEU D 83 18.90 10.72 -10.03
CA LEU D 83 18.31 12.00 -9.65
C LEU D 83 17.09 11.75 -8.77
N THR D 84 17.01 12.44 -7.62
CA THR D 84 15.94 12.19 -6.65
C THR D 84 15.40 13.54 -6.16
N GLY D 85 14.07 13.67 -6.12
CA GLY D 85 13.46 14.91 -5.64
C GLY D 85 12.12 14.67 -4.97
N VAL D 86 11.53 15.72 -4.40
CA VAL D 86 10.36 15.58 -3.55
C VAL D 86 9.39 16.74 -3.84
N ALA D 87 8.09 16.49 -3.62
CA ALA D 87 7.09 17.53 -3.73
C ALA D 87 6.92 18.20 -2.36
N ASN D 88 7.61 19.32 -2.15
CA ASN D 88 7.58 20.06 -0.89
C ASN D 88 6.39 20.99 -0.91
N GLU D 89 5.46 20.82 0.04
CA GLU D 89 4.22 21.57 0.08
C GLU D 89 4.46 23.08 0.19
N GLU D 90 5.65 23.51 0.58
CA GLU D 90 5.94 24.94 0.65
C GLU D 90 6.05 25.56 -0.75
N PHE D 91 6.43 24.73 -1.75
CA PHE D 91 6.67 25.21 -3.10
C PHE D 91 5.65 24.61 -4.10
N VAL D 92 4.93 23.55 -3.71
CA VAL D 92 4.05 22.82 -4.63
C VAL D 92 2.60 22.89 -4.13
N ASP D 93 1.67 23.21 -5.05
CA ASP D 93 0.25 23.40 -4.73
C ASP D 93 -0.59 22.15 -5.02
N ASP D 94 -0.19 21.38 -6.04
CA ASP D 94 -1.01 20.32 -6.60
C ASP D 94 -0.11 19.14 -6.92
N ILE D 95 -0.30 18.02 -6.22
CA ILE D 95 0.60 16.87 -6.33
C ILE D 95 0.46 16.21 -7.70
N GLU D 96 -0.77 16.18 -8.25
CA GLU D 96 -1.01 15.53 -9.52
C GLU D 96 -0.30 16.29 -10.64
N LYS D 97 -0.36 17.62 -10.60
CA LYS D 97 0.30 18.46 -11.60
C LYS D 97 1.82 18.29 -11.48
N TRP D 98 2.35 18.23 -10.26
CA TRP D 98 3.77 17.99 -10.02
C TRP D 98 4.21 16.66 -10.62
N LYS D 99 3.44 15.59 -10.38
CA LYS D 99 3.78 14.28 -10.88
C LYS D 99 3.84 14.30 -12.42
N ASP D 100 2.84 14.93 -13.05
CA ASP D 100 2.83 15.08 -14.50
C ASP D 100 4.07 15.85 -14.98
N THR D 101 4.49 16.88 -14.23
CA THR D 101 5.64 17.68 -14.57
C THR D 101 6.94 16.86 -14.46
N VAL D 102 7.06 16.05 -13.41
CA VAL D 102 8.23 15.17 -13.26
C VAL D 102 8.34 14.24 -14.48
N ILE D 103 7.23 13.61 -14.89
CA ILE D 103 7.22 12.68 -16.01
C ILE D 103 7.66 13.41 -17.29
N LYS D 104 7.13 14.62 -17.53
CA LYS D 104 7.54 15.43 -18.66
C LYS D 104 9.05 15.69 -18.69
N LEU D 105 9.62 16.08 -17.54
CA LEU D 105 11.04 16.40 -17.43
C LEU D 105 11.89 15.13 -17.60
N ALA D 106 11.40 13.97 -17.09
CA ALA D 106 12.10 12.72 -17.26
C ALA D 106 12.26 12.37 -18.74
N LYS D 107 11.17 12.53 -19.51
CA LYS D 107 11.20 12.28 -20.95
C LYS D 107 12.14 13.25 -21.65
N GLU D 108 12.13 14.53 -21.25
CA GLU D 108 13.01 15.52 -21.84
C GLU D 108 14.48 15.18 -21.55
N LEU D 109 14.77 14.71 -20.32
CA LEU D 109 16.14 14.32 -20.00
C LEU D 109 16.56 13.12 -20.85
N LYS D 110 15.66 12.17 -21.05
CA LYS D 110 15.93 11.00 -21.86
C LYS D 110 16.36 11.42 -23.27
N ASN D 111 15.66 12.41 -23.82
CA ASN D 111 15.96 12.99 -25.13
C ASN D 111 17.32 13.71 -25.14
N GLN D 112 17.53 14.64 -24.22
CA GLN D 112 18.77 15.42 -24.16
C GLN D 112 20.01 14.54 -23.95
N MET D 113 19.89 13.43 -23.19
CA MET D 113 21.01 12.55 -22.90
C MET D 113 21.09 11.45 -23.97
N LYS D 114 20.19 11.47 -24.96
CA LYS D 114 20.13 10.48 -26.03
C LYS D 114 20.17 9.07 -25.48
N GLN D 115 19.24 8.79 -24.56
CA GLN D 115 19.15 7.48 -23.94
C GLN D 115 18.04 6.67 -24.62
N SER D 116 18.30 5.37 -24.78
CA SER D 116 17.34 4.44 -25.36
C SER D 116 16.23 4.15 -24.36
N THR D 117 16.59 4.05 -23.07
CA THR D 117 15.66 3.72 -22.00
C THR D 117 16.02 4.58 -20.78
N LEU D 118 15.01 4.82 -19.94
CA LEU D 118 15.12 5.64 -18.74
C LEU D 118 14.00 5.25 -17.78
N THR D 119 14.31 5.22 -16.46
CA THR D 119 13.34 4.84 -15.43
C THR D 119 12.99 6.06 -14.59
N CYS D 120 11.72 6.12 -14.14
CA CYS D 120 11.24 7.13 -13.19
C CYS D 120 10.27 6.46 -12.20
N GLU D 121 10.60 6.50 -10.90
CA GLU D 121 9.81 5.87 -9.84
C GLU D 121 9.22 6.94 -8.92
N PHE D 122 8.03 6.68 -8.38
CA PHE D 122 7.41 7.45 -7.32
C PHE D 122 7.25 6.60 -6.09
N ILE D 123 7.63 7.18 -4.92
CA ILE D 123 7.67 6.50 -3.63
C ILE D 123 7.00 7.44 -2.61
N GLU D 124 6.12 6.86 -1.78
CA GLU D 124 5.45 7.63 -0.73
C GLU D 124 6.44 7.99 0.36
N THR D 125 6.38 9.25 0.84
CA THR D 125 7.33 9.72 1.83
C THR D 125 6.65 10.72 2.78
N GLU D 126 7.19 10.79 4.00
CA GLU D 126 6.79 11.78 4.99
C GLU D 126 7.93 12.79 5.13
N LEU D 127 7.74 14.00 4.60
CA LEU D 127 8.76 15.04 4.50
C LEU D 127 8.65 15.95 5.72
N HIS D 128 9.77 16.08 6.44
CA HIS D 128 9.94 17.12 7.45
C HIS D 128 10.93 18.16 6.91
N TYR D 129 10.48 19.42 6.82
CA TYR D 129 11.27 20.52 6.28
C TYR D 129 11.57 21.51 7.41
N PHE D 130 12.87 21.74 7.68
CA PHE D 130 13.29 22.57 8.79
C PHE D 130 13.88 23.86 8.25
N LYS D 131 13.54 24.98 8.89
CA LYS D 131 14.12 26.28 8.59
C LYS D 131 14.48 27.03 9.89
N LYS E 10 1.81 -0.57 -9.02
CA LYS E 10 2.85 -0.63 -7.97
C LYS E 10 3.74 -1.85 -8.15
N THR E 11 4.99 -1.76 -7.68
CA THR E 11 5.90 -2.89 -7.58
C THR E 11 6.84 -2.67 -6.38
N LEU E 12 7.98 -3.37 -6.37
CA LEU E 12 8.95 -3.31 -5.28
C LEU E 12 10.32 -2.96 -5.83
N ARG E 13 11.08 -2.16 -5.06
CA ARG E 13 12.53 -2.00 -5.24
C ARG E 13 13.21 -2.58 -4.00
N PHE E 14 14.48 -2.96 -4.20
CA PHE E 14 15.34 -3.43 -3.14
C PHE E 14 16.52 -2.47 -2.99
N GLU E 15 17.08 -2.44 -1.78
CA GLU E 15 18.34 -1.76 -1.52
C GLU E 15 19.16 -2.58 -0.51
N ILE E 16 20.42 -2.82 -0.90
CA ILE E 16 21.41 -3.57 -0.13
C ILE E 16 22.53 -2.60 0.24
N VAL E 17 23.08 -2.74 1.47
CA VAL E 17 24.30 -2.06 1.84
C VAL E 17 25.35 -3.12 2.19
N SER E 18 26.55 -3.01 1.61
CA SER E 18 27.65 -3.93 1.86
C SER E 18 28.95 -3.21 2.16
N GLY E 19 29.77 -3.79 3.04
CA GLY E 19 31.17 -3.40 3.15
C GLY E 19 31.97 -3.85 1.93
N VAL E 20 33.25 -3.45 1.88
CA VAL E 20 34.13 -3.69 0.74
C VAL E 20 35.38 -4.49 1.13
N ASN E 21 35.55 -4.80 2.43
CA ASN E 21 36.56 -5.72 2.92
C ASN E 21 37.96 -5.43 2.33
N LYS E 22 38.52 -4.30 2.73
CA LYS E 22 39.88 -3.91 2.36
C LYS E 22 40.88 -4.96 2.87
N GLY E 23 40.58 -5.58 4.01
CA GLY E 23 41.47 -6.59 4.59
C GLY E 23 41.76 -7.73 3.61
N TYR E 24 40.83 -7.96 2.68
CA TYR E 24 40.89 -9.10 1.80
C TYR E 24 41.16 -8.68 0.35
N PHE E 25 40.53 -7.60 -0.13
CA PHE E 25 40.62 -7.21 -1.53
C PHE E 25 41.64 -6.10 -1.77
N HIS E 26 41.95 -5.29 -0.73
CA HIS E 26 43.04 -4.34 -0.78
C HIS E 26 42.77 -3.23 -1.80
N THR E 27 41.49 -2.82 -2.01
CA THR E 27 41.23 -1.65 -2.83
C THR E 27 41.71 -0.40 -2.09
N ASN E 28 42.06 0.64 -2.86
CA ASN E 28 42.73 1.83 -2.36
C ASN E 28 41.87 3.08 -2.53
N SER E 29 40.70 2.99 -3.20
CA SER E 29 39.84 4.14 -3.35
C SER E 29 38.39 3.68 -3.51
N GLN E 30 37.46 4.64 -3.33
CA GLN E 30 36.03 4.41 -3.56
C GLN E 30 35.74 4.08 -5.01
N SER E 31 36.52 4.64 -5.94
CA SER E 31 36.43 4.30 -7.35
C SER E 31 36.73 2.83 -7.59
N GLU E 32 37.81 2.34 -6.93
CA GLU E 32 38.24 0.95 -7.09
C GLU E 32 37.23 -0.01 -6.45
N SER E 33 36.71 0.35 -5.26
CA SER E 33 35.79 -0.53 -4.58
C SER E 33 34.42 -0.58 -5.27
N LEU E 34 34.05 0.50 -5.98
CA LEU E 34 32.83 0.52 -6.79
C LEU E 34 32.93 -0.51 -7.92
N ASP E 35 34.10 -0.54 -8.58
CA ASP E 35 34.32 -1.45 -9.68
C ASP E 35 34.36 -2.91 -9.21
N LEU E 36 35.00 -3.15 -8.05
CA LEU E 36 35.04 -4.47 -7.43
C LEU E 36 33.63 -5.03 -7.23
N VAL E 37 32.78 -4.26 -6.54
CA VAL E 37 31.44 -4.74 -6.22
C VAL E 37 30.60 -4.90 -7.49
N GLY E 38 30.78 -3.98 -8.44
CA GLY E 38 30.11 -4.05 -9.73
C GLY E 38 30.38 -5.38 -10.45
N GLY E 39 31.67 -5.76 -10.49
CA GLY E 39 32.04 -7.01 -11.14
C GLY E 39 31.49 -8.28 -10.46
N ILE E 40 31.52 -8.29 -9.12
CA ILE E 40 30.98 -9.39 -8.35
C ILE E 40 29.47 -9.53 -8.58
N TRP E 41 28.72 -8.40 -8.49
CA TRP E 41 27.28 -8.45 -8.72
C TRP E 41 26.95 -8.98 -10.13
N GLN E 42 27.68 -8.48 -11.13
CA GLN E 42 27.43 -8.90 -12.50
C GLN E 42 27.51 -10.44 -12.65
N LYS E 43 28.52 -11.04 -12.00
CA LYS E 43 28.73 -12.48 -12.11
C LYS E 43 27.63 -13.28 -11.39
N ILE E 44 27.23 -12.85 -10.19
CA ILE E 44 26.25 -13.60 -9.44
C ILE E 44 24.87 -13.46 -10.07
N ALA E 45 24.56 -12.28 -10.64
CA ALA E 45 23.26 -12.09 -11.28
C ALA E 45 23.12 -12.98 -12.52
N LYS E 46 24.23 -13.09 -13.26
CA LYS E 46 24.24 -13.90 -14.47
C LYS E 46 24.00 -15.37 -14.14
N GLU E 47 24.72 -15.88 -13.13
CA GLU E 47 24.61 -17.26 -12.71
C GLU E 47 23.17 -17.59 -12.29
N GLU E 48 22.55 -16.67 -11.54
CA GLU E 48 21.19 -16.90 -11.08
C GLU E 48 20.21 -16.88 -12.25
N PHE E 49 20.41 -15.97 -13.22
CA PHE E 49 19.48 -15.88 -14.34
C PHE E 49 19.47 -17.18 -15.15
N GLU E 50 20.65 -17.81 -15.27
CA GLU E 50 20.78 -19.06 -15.98
C GLU E 50 19.96 -20.18 -15.30
N LYS E 51 19.77 -20.10 -13.98
CA LYS E 51 19.03 -21.12 -13.23
C LYS E 51 17.52 -20.85 -13.25
N SER E 52 17.11 -19.59 -13.03
CA SER E 52 15.72 -19.28 -12.69
C SER E 52 15.01 -18.45 -13.77
N ASN E 53 15.78 -17.93 -14.74
CA ASN E 53 15.28 -17.02 -15.75
C ASN E 53 14.82 -15.68 -15.15
N ILE E 54 15.36 -15.31 -13.97
CA ILE E 54 15.09 -14.01 -13.36
C ILE E 54 16.42 -13.24 -13.30
N TYR E 55 16.51 -12.11 -14.01
CA TYR E 55 17.70 -11.28 -14.05
C TYR E 55 17.55 -10.07 -13.12
N VAL E 56 18.40 -9.94 -12.11
CA VAL E 56 18.30 -8.86 -11.13
C VAL E 56 19.42 -7.84 -11.36
N SER E 57 19.09 -6.75 -12.07
CA SER E 57 20.02 -5.64 -12.26
C SER E 57 20.14 -4.78 -10.99
N ALA E 58 21.24 -4.02 -10.85
CA ALA E 58 21.46 -3.12 -9.73
C ALA E 58 22.20 -1.83 -10.13
N VAL E 59 21.78 -0.72 -9.53
CA VAL E 59 22.48 0.56 -9.60
C VAL E 59 23.30 0.70 -8.31
N ILE E 60 24.61 0.94 -8.43
CA ILE E 60 25.53 0.92 -7.31
C ILE E 60 26.10 2.32 -7.08
N LYS E 61 26.13 2.73 -5.80
CA LYS E 61 26.57 4.04 -5.39
C LYS E 61 27.68 3.94 -4.35
N PRO E 62 28.72 4.81 -4.40
CA PRO E 62 29.76 4.85 -3.37
C PRO E 62 29.16 5.51 -2.11
N SER E 63 29.70 5.15 -0.95
CA SER E 63 29.18 5.61 0.34
C SER E 63 30.17 5.33 1.47
N LYS E 64 29.89 5.92 2.64
CA LYS E 64 30.51 5.49 3.89
C LYS E 64 29.41 5.28 4.92
N THR E 65 29.57 4.28 5.78
CA THR E 65 28.58 3.99 6.81
C THR E 65 29.16 4.34 8.19
N VAL E 66 28.43 5.20 8.91
CA VAL E 66 28.88 5.76 10.17
C VAL E 66 28.14 5.05 11.27
N TYR E 67 28.88 4.37 12.17
CA TYR E 67 28.32 3.76 13.35
C TYR E 67 29.32 3.93 14.50
N ASN E 68 29.01 3.33 15.65
CA ASN E 68 29.76 3.60 16.87
C ASN E 68 31.18 3.04 16.73
N GLN E 69 32.19 3.92 16.96
CA GLN E 69 33.59 3.54 16.93
C GLN E 69 33.89 2.41 17.93
N GLU E 70 33.09 2.32 18.99
CA GLU E 70 33.28 1.29 20.00
C GLU E 70 32.86 -0.09 19.48
N TRP E 71 32.14 -0.16 18.35
CA TRP E 71 31.82 -1.43 17.73
C TRP E 71 32.69 -1.67 16.51
N GLY E 72 33.73 -0.84 16.31
CA GLY E 72 34.77 -1.08 15.32
C GLY E 72 34.70 -0.15 14.10
N CYS E 73 33.74 0.78 14.06
CA CYS E 73 33.67 1.71 12.94
C CYS E 73 34.92 2.58 12.94
N PRO E 74 35.62 2.77 11.79
CA PRO E 74 36.67 3.78 11.71
C PRO E 74 36.15 5.19 11.94
N GLU E 75 37.06 6.08 12.33
CA GLU E 75 36.78 7.51 12.42
C GLU E 75 36.28 8.01 11.06
N ASN E 76 35.12 8.68 11.07
CA ASN E 76 34.49 9.29 9.89
C ASN E 76 33.72 8.28 9.03
N GLY E 77 33.70 6.99 9.41
CA GLY E 77 32.85 6.00 8.76
C GLY E 77 33.63 4.93 8.00
N GLU E 78 32.96 3.78 7.74
CA GLU E 78 33.51 2.65 7.02
C GLU E 78 33.06 2.70 5.55
N GLU E 79 33.98 2.42 4.63
CA GLU E 79 33.68 2.42 3.20
C GLU E 79 32.66 1.33 2.85
N THR E 80 31.58 1.72 2.15
CA THR E 80 30.50 0.81 1.79
C THR E 80 30.01 1.10 0.36
N VAL E 81 29.23 0.17 -0.18
CA VAL E 81 28.50 0.35 -1.45
C VAL E 81 27.02 0.08 -1.24
N VAL E 82 26.18 0.89 -1.89
CA VAL E 82 24.72 0.75 -1.87
C VAL E 82 24.26 0.23 -3.23
N LEU E 83 23.51 -0.89 -3.24
CA LEU E 83 22.99 -1.49 -4.47
C LEU E 83 21.47 -1.41 -4.47
N THR E 84 20.87 -0.91 -5.55
CA THR E 84 19.42 -0.69 -5.60
C THR E 84 18.90 -1.21 -6.95
N GLY E 85 17.77 -1.91 -6.93
CA GLY E 85 17.14 -2.41 -8.15
C GLY E 85 15.62 -2.51 -8.01
N VAL E 86 14.92 -2.95 -9.06
CA VAL E 86 13.46 -2.89 -9.10
C VAL E 86 12.92 -4.10 -9.86
N ALA E 87 11.69 -4.52 -9.52
CA ALA E 87 10.98 -5.57 -10.25
C ALA E 87 10.17 -4.87 -11.34
N ASN E 88 10.72 -4.82 -12.54
CA ASN E 88 10.14 -4.18 -13.72
C ASN E 88 9.12 -5.15 -14.32
N GLU E 89 7.84 -4.74 -14.35
CA GLU E 89 6.76 -5.64 -14.73
C GLU E 89 6.92 -6.10 -16.18
N GLU E 90 7.74 -5.41 -16.98
CA GLU E 90 7.96 -5.84 -18.35
C GLU E 90 8.79 -7.12 -18.42
N PHE E 91 9.63 -7.36 -17.38
CA PHE E 91 10.51 -8.52 -17.35
C PHE E 91 10.13 -9.51 -16.24
N VAL E 92 9.33 -9.09 -15.25
CA VAL E 92 9.07 -9.89 -14.07
C VAL E 92 7.58 -10.20 -13.95
N ASP E 93 7.24 -11.49 -13.80
CA ASP E 93 5.87 -11.98 -13.80
C ASP E 93 5.36 -12.23 -12.38
N ASP E 94 6.26 -12.59 -11.45
CA ASP E 94 5.86 -13.09 -10.14
C ASP E 94 6.74 -12.40 -9.09
N ILE E 95 6.10 -11.52 -8.30
CA ILE E 95 6.83 -10.65 -7.39
C ILE E 95 7.43 -11.47 -6.24
N GLU E 96 6.71 -12.50 -5.78
CA GLU E 96 7.18 -13.31 -4.68
C GLU E 96 8.45 -14.07 -5.07
N LYS E 97 8.48 -14.62 -6.28
CA LYS E 97 9.65 -15.35 -6.78
C LYS E 97 10.84 -14.40 -6.93
N TRP E 98 10.58 -13.19 -7.44
CA TRP E 98 11.62 -12.16 -7.56
C TRP E 98 12.22 -11.81 -6.20
N LYS E 99 11.36 -11.60 -5.20
CA LYS E 99 11.82 -11.24 -3.87
C LYS E 99 12.70 -12.35 -3.29
N ASP E 100 12.29 -13.62 -3.45
CA ASP E 100 13.08 -14.75 -3.02
C ASP E 100 14.45 -14.76 -3.71
N THR E 101 14.49 -14.40 -5.01
CA THR E 101 15.72 -14.35 -5.78
C THR E 101 16.66 -13.25 -5.27
N VAL E 102 16.09 -12.07 -4.98
CA VAL E 102 16.88 -10.97 -4.44
C VAL E 102 17.54 -11.38 -3.12
N ILE E 103 16.78 -12.03 -2.23
CA ILE E 103 17.30 -12.50 -0.95
C ILE E 103 18.45 -13.46 -1.15
N LYS E 104 18.28 -14.42 -2.08
CA LYS E 104 19.36 -15.36 -2.42
C LYS E 104 20.64 -14.65 -2.85
N LEU E 105 20.52 -13.66 -3.74
CA LEU E 105 21.65 -12.91 -4.26
C LEU E 105 22.30 -12.06 -3.17
N ALA E 106 21.48 -11.50 -2.26
CA ALA E 106 22.01 -10.69 -1.16
C ALA E 106 22.90 -11.56 -0.27
N LYS E 107 22.44 -12.78 0.05
CA LYS E 107 23.24 -13.71 0.84
C LYS E 107 24.52 -14.10 0.11
N GLU E 108 24.43 -14.33 -1.20
CA GLU E 108 25.62 -14.68 -1.97
C GLU E 108 26.63 -13.53 -2.00
N LEU E 109 26.14 -12.28 -2.09
CA LEU E 109 27.04 -11.14 -2.07
C LEU E 109 27.73 -11.05 -0.71
N LYS E 110 26.98 -11.30 0.35
CA LYS E 110 27.52 -11.27 1.71
C LYS E 110 28.69 -12.25 1.84
N ASN E 111 28.53 -13.45 1.26
CA ASN E 111 29.54 -14.49 1.23
C ASN E 111 30.77 -14.06 0.42
N GLN E 112 30.57 -13.62 -0.83
CA GLN E 112 31.67 -13.23 -1.70
C GLN E 112 32.46 -12.04 -1.16
N MET E 113 31.81 -11.11 -0.46
CA MET E 113 32.48 -9.93 0.11
C MET E 113 33.02 -10.22 1.52
N LYS E 114 32.80 -11.46 2.00
CA LYS E 114 33.21 -11.91 3.32
C LYS E 114 32.76 -10.92 4.40
N GLN E 115 31.46 -10.63 4.41
CA GLN E 115 30.88 -9.72 5.38
C GLN E 115 30.24 -10.51 6.51
N SER E 116 30.38 -10.00 7.74
CA SER E 116 29.73 -10.56 8.91
CA SER E 116 29.73 -10.57 8.89
C SER E 116 28.25 -10.21 8.89
N THR E 117 27.91 -9.00 8.40
CA THR E 117 26.52 -8.56 8.37
C THR E 117 26.24 -7.85 7.04
N LEU E 118 24.96 -7.91 6.63
CA LEU E 118 24.50 -7.25 5.42
C LEU E 118 22.99 -6.99 5.52
N THR E 119 22.51 -5.87 4.96
CA THR E 119 21.10 -5.50 5.00
C THR E 119 20.53 -5.56 3.58
N CYS E 120 19.26 -5.98 3.48
CA CYS E 120 18.47 -5.90 2.26
C CYS E 120 17.05 -5.42 2.60
N GLU E 121 16.63 -4.29 2.03
CA GLU E 121 15.32 -3.71 2.27
C GLU E 121 14.50 -3.78 0.98
N PHE E 122 13.18 -3.94 1.16
CA PHE E 122 12.19 -3.80 0.11
C PHE E 122 11.28 -2.62 0.42
N ILE E 123 11.04 -1.80 -0.62
CA ILE E 123 10.27 -0.57 -0.56
C ILE E 123 9.27 -0.57 -1.72
N GLU E 124 8.01 -0.20 -1.43
CA GLU E 124 6.99 -0.10 -2.46
C GLU E 124 7.25 1.10 -3.36
N THR E 125 7.07 0.92 -4.68
CA THR E 125 7.38 1.95 -5.67
C THR E 125 6.44 1.87 -6.88
N GLU E 126 6.24 3.01 -7.55
CA GLU E 126 5.47 3.09 -8.79
C GLU E 126 6.42 3.39 -9.93
N LEU E 127 6.67 2.39 -10.80
CA LEU E 127 7.66 2.44 -11.85
C LEU E 127 7.05 2.89 -13.17
N HIS E 128 7.59 3.96 -13.74
CA HIS E 128 7.35 4.36 -15.12
C HIS E 128 8.60 4.06 -15.94
N TYR E 129 8.45 3.22 -16.99
CA TYR E 129 9.58 2.78 -17.80
C TYR E 129 9.42 3.33 -19.22
N PHE E 130 10.39 4.14 -19.67
CA PHE E 130 10.30 4.84 -20.94
C PHE E 130 11.25 4.17 -21.93
N LYS E 131 10.69 3.83 -23.11
CA LYS E 131 11.42 3.14 -24.17
C LYS E 131 11.39 3.97 -25.47
N ALA F 2 -19.90 -26.71 -22.18
CA ALA F 2 -20.22 -25.42 -22.84
C ALA F 2 -18.95 -24.57 -22.91
N ASN F 3 -18.89 -23.69 -23.93
CA ASN F 3 -17.84 -22.69 -24.04
C ASN F 3 -17.87 -21.74 -22.85
N ALA F 4 -16.74 -21.06 -22.60
CA ALA F 4 -16.53 -20.27 -21.38
C ALA F 4 -15.41 -19.25 -21.58
N MET F 5 -15.51 -18.14 -20.86
CA MET F 5 -14.45 -17.15 -20.90
C MET F 5 -14.24 -16.63 -19.49
N ALA F 6 -12.96 -16.36 -19.18
CA ALA F 6 -12.62 -15.75 -17.90
C ALA F 6 -11.61 -14.60 -18.11
N HIS F 7 -11.86 -13.46 -17.46
CA HIS F 7 -10.95 -12.31 -17.46
C HIS F 7 -10.54 -12.01 -16.03
N MET F 8 -9.23 -11.73 -15.81
CA MET F 8 -8.70 -11.32 -14.52
C MET F 8 -7.96 -10.00 -14.65
N GLY F 9 -8.25 -9.03 -13.78
CA GLY F 9 -7.44 -7.82 -13.73
C GLY F 9 -7.53 -7.09 -12.40
N LYS F 10 -6.47 -6.31 -12.11
CA LYS F 10 -6.42 -5.48 -10.91
C LYS F 10 -7.24 -4.21 -11.12
N THR F 11 -8.10 -3.87 -10.15
CA THR F 11 -9.01 -2.73 -10.31
C THR F 11 -9.41 -2.20 -8.93
N LEU F 12 -10.51 -1.44 -8.91
CA LEU F 12 -11.04 -0.82 -7.68
C LEU F 12 -12.49 -1.26 -7.51
N ARG F 13 -12.88 -1.42 -6.22
CA ARG F 13 -14.28 -1.49 -5.84
C ARG F 13 -14.57 -0.31 -4.91
N PHE F 14 -15.83 0.13 -4.91
CA PHE F 14 -16.33 1.15 -3.99
C PHE F 14 -17.33 0.55 -3.02
N GLU F 15 -17.46 1.20 -1.86
CA GLU F 15 -18.51 0.88 -0.90
C GLU F 15 -19.03 2.18 -0.26
N ILE F 16 -20.36 2.33 -0.32
CA ILE F 16 -21.08 3.47 0.23
C ILE F 16 -21.99 2.97 1.34
N VAL F 17 -22.14 3.76 2.42
CA VAL F 17 -23.13 3.52 3.45
C VAL F 17 -24.08 4.72 3.51
N SER F 18 -25.38 4.45 3.46
CA SER F 18 -26.42 5.49 3.49
C SER F 18 -27.50 5.15 4.49
N GLY F 19 -28.09 6.16 5.14
CA GLY F 19 -29.36 5.98 5.80
C GLY F 19 -30.52 5.79 4.81
N VAL F 20 -31.71 5.49 5.34
CA VAL F 20 -32.90 5.18 4.55
C VAL F 20 -34.04 6.15 4.85
N ASN F 21 -33.85 7.06 5.81
CA ASN F 21 -34.74 8.21 6.05
C ASN F 21 -36.20 7.76 6.17
N PHE F 25 -39.52 8.83 3.84
CA PHE F 25 -40.01 7.67 3.02
C PHE F 25 -40.62 6.69 4.02
N HIS F 26 -41.81 6.14 3.73
CA HIS F 26 -42.61 5.45 4.73
C HIS F 26 -42.43 3.93 4.69
N THR F 27 -41.19 3.48 4.54
CA THR F 27 -40.92 2.05 4.41
C THR F 27 -41.16 1.35 5.76
N ASN F 28 -41.50 0.06 5.69
CA ASN F 28 -41.91 -0.72 6.85
C ASN F 28 -40.95 -1.87 7.18
N SER F 29 -39.99 -2.16 6.29
CA SER F 29 -39.08 -3.28 6.50
C SER F 29 -37.76 -3.06 5.77
N GLN F 30 -36.75 -3.87 6.09
CA GLN F 30 -35.46 -3.83 5.42
C GLN F 30 -35.59 -4.26 3.95
N SER F 31 -36.54 -5.17 3.67
CA SER F 31 -36.85 -5.54 2.30
C SER F 31 -37.38 -4.34 1.52
N GLU F 32 -38.25 -3.54 2.13
CA GLU F 32 -38.83 -2.37 1.47
C GLU F 32 -37.78 -1.27 1.30
N SER F 33 -36.91 -1.06 2.29
CA SER F 33 -35.91 -0.01 2.15
C SER F 33 -34.84 -0.42 1.13
N LEU F 34 -34.60 -1.71 0.93
CA LEU F 34 -33.71 -2.22 -0.11
C LEU F 34 -34.26 -1.85 -1.49
N ASP F 35 -35.57 -2.06 -1.70
CA ASP F 35 -36.23 -1.74 -2.96
C ASP F 35 -36.24 -0.23 -3.23
N LEU F 36 -36.49 0.56 -2.18
CA LEU F 36 -36.48 2.03 -2.27
C LEU F 36 -35.12 2.51 -2.80
N VAL F 37 -34.04 2.10 -2.14
CA VAL F 37 -32.72 2.57 -2.49
C VAL F 37 -32.31 2.04 -3.86
N GLY F 38 -32.69 0.80 -4.15
CA GLY F 38 -32.43 0.19 -5.45
C GLY F 38 -33.03 1.01 -6.58
N GLY F 39 -34.31 1.44 -6.42
CA GLY F 39 -34.95 2.25 -7.44
C GLY F 39 -34.30 3.63 -7.65
N ILE F 40 -33.94 4.28 -6.55
CA ILE F 40 -33.27 5.58 -6.59
C ILE F 40 -31.90 5.44 -7.29
N TRP F 41 -31.09 4.44 -6.89
CA TRP F 41 -29.78 4.24 -7.49
C TRP F 41 -29.91 3.96 -8.99
N GLN F 42 -30.87 3.12 -9.37
CA GLN F 42 -31.07 2.76 -10.77
C GLN F 42 -31.32 4.01 -11.60
N LYS F 43 -32.11 4.96 -11.08
CA LYS F 43 -32.44 6.19 -11.80
C LYS F 43 -31.22 7.10 -11.96
N ILE F 44 -30.43 7.27 -10.89
CA ILE F 44 -29.29 8.18 -10.98
C ILE F 44 -28.18 7.57 -11.84
N ALA F 45 -28.00 6.23 -11.79
CA ALA F 45 -26.98 5.59 -12.61
C ALA F 45 -27.36 5.67 -14.08
N LYS F 46 -28.65 5.55 -14.39
CA LYS F 46 -29.13 5.62 -15.76
C LYS F 46 -28.90 7.01 -16.34
N GLU F 47 -29.21 8.05 -15.57
CA GLU F 47 -29.04 9.42 -16.01
C GLU F 47 -27.57 9.69 -16.32
N GLU F 48 -26.68 9.20 -15.45
CA GLU F 48 -25.26 9.39 -15.65
C GLU F 48 -24.77 8.64 -16.90
N PHE F 49 -25.27 7.41 -17.09
CA PHE F 49 -24.85 6.58 -18.21
C PHE F 49 -25.20 7.25 -19.55
N GLU F 50 -26.37 7.90 -19.58
CA GLU F 50 -26.80 8.60 -20.80
C GLU F 50 -25.85 9.75 -21.15
N LYS F 51 -25.16 10.35 -20.15
CA LYS F 51 -24.24 11.45 -20.39
C LYS F 51 -22.84 10.95 -20.76
N SER F 52 -22.32 9.95 -20.03
CA SER F 52 -20.90 9.63 -20.07
C SER F 52 -20.63 8.25 -20.64
N ASN F 53 -21.66 7.42 -20.80
CA ASN F 53 -21.52 6.03 -21.24
C ASN F 53 -20.83 5.18 -20.17
N ILE F 54 -20.86 5.62 -18.89
CA ILE F 54 -20.34 4.84 -17.78
C ILE F 54 -21.51 4.48 -16.88
N TYR F 55 -21.78 3.16 -16.76
CA TYR F 55 -22.88 2.66 -15.95
C TYR F 55 -22.31 2.14 -14.63
N VAL F 56 -22.71 2.72 -13.48
CA VAL F 56 -22.17 2.28 -12.20
C VAL F 56 -23.19 1.38 -11.49
N SER F 57 -23.03 0.06 -11.66
CA SER F 57 -23.85 -0.93 -11.01
CA SER F 57 -23.86 -0.93 -11.01
C SER F 57 -23.47 -1.03 -9.53
N ALA F 58 -24.44 -1.49 -8.70
CA ALA F 58 -24.23 -1.66 -7.27
C ALA F 58 -25.01 -2.88 -6.73
N VAL F 59 -24.37 -3.58 -5.80
CA VAL F 59 -25.01 -4.61 -4.98
C VAL F 59 -25.35 -3.95 -3.63
N ILE F 60 -26.59 -4.11 -3.18
CA ILE F 60 -27.10 -3.38 -2.02
C ILE F 60 -27.49 -4.39 -0.94
N LYS F 61 -27.05 -4.12 0.30
N LYS F 61 -26.91 -4.22 0.27
CA LYS F 61 -27.21 -5.05 1.41
CA LYS F 61 -27.14 -5.06 1.44
C LYS F 61 -27.87 -4.34 2.60
C LYS F 61 -27.92 -4.31 2.55
N PRO F 62 -28.82 -5.00 3.31
CA PRO F 62 -29.46 -4.38 4.48
C PRO F 62 -28.50 -4.39 5.65
N SER F 63 -28.65 -3.41 6.56
CA SER F 63 -27.73 -3.24 7.68
C SER F 63 -28.31 -2.32 8.75
N LYS F 64 -27.62 -2.20 9.89
CA LYS F 64 -27.80 -1.13 10.85
C LYS F 64 -26.45 -0.54 11.22
N THR F 65 -26.38 0.78 11.46
CA THR F 65 -25.12 1.43 11.78
C THR F 65 -25.16 1.91 13.24
N VAL F 66 -24.18 1.46 14.02
CA VAL F 66 -24.12 1.70 15.45
C VAL F 66 -23.10 2.79 15.74
N TYR F 67 -23.55 3.91 16.33
CA TYR F 67 -22.64 4.98 16.73
C TYR F 67 -23.16 5.58 18.05
N ASN F 68 -22.49 6.64 18.52
CA ASN F 68 -22.75 7.20 19.84
C ASN F 68 -24.15 7.80 19.88
N GLN F 69 -24.97 7.36 20.85
CA GLN F 69 -26.32 7.85 21.05
C GLN F 69 -26.34 9.35 21.31
N GLU F 70 -25.23 9.90 21.83
CA GLU F 70 -25.14 11.32 22.12
C GLU F 70 -24.99 12.13 20.83
N TRP F 71 -24.68 11.48 19.70
CA TRP F 71 -24.65 12.16 18.41
C TRP F 71 -25.91 11.84 17.61
N GLY F 72 -26.89 11.20 18.23
CA GLY F 72 -28.23 11.01 17.65
C GLY F 72 -28.54 9.58 17.20
N CYS F 73 -27.61 8.64 17.38
CA CYS F 73 -27.87 7.25 16.99
C CYS F 73 -29.00 6.70 17.85
N PRO F 74 -30.05 6.06 17.28
CA PRO F 74 -30.99 5.30 18.10
C PRO F 74 -30.32 4.15 18.86
N GLU F 75 -30.97 3.71 19.95
CA GLU F 75 -30.57 2.52 20.68
C GLU F 75 -30.56 1.33 19.71
N ASN F 76 -29.42 0.61 19.68
CA ASN F 76 -29.22 -0.60 18.88
C ASN F 76 -28.87 -0.31 17.43
N GLY F 77 -28.81 0.98 17.03
CA GLY F 77 -28.32 1.36 15.72
C GLY F 77 -29.40 1.98 14.82
N GLU F 78 -28.92 2.68 13.78
CA GLU F 78 -29.77 3.29 12.77
C GLU F 78 -29.86 2.40 11.53
N GLU F 79 -31.06 2.25 10.95
CA GLU F 79 -31.25 1.45 9.73
C GLU F 79 -30.46 2.07 8.57
N THR F 80 -29.65 1.26 7.87
CA THR F 80 -28.80 1.73 6.77
C THR F 80 -28.78 0.69 5.64
N VAL F 81 -28.23 1.10 4.49
CA VAL F 81 -27.97 0.23 3.35
C VAL F 81 -26.50 0.42 2.95
N VAL F 82 -25.85 -0.69 2.54
CA VAL F 82 -24.49 -0.67 2.03
C VAL F 82 -24.52 -0.99 0.54
N LEU F 83 -23.93 -0.11 -0.29
CA LEU F 83 -23.87 -0.28 -1.74
C LEU F 83 -22.42 -0.53 -2.15
N THR F 84 -22.18 -1.59 -2.96
CA THR F 84 -20.85 -1.96 -3.35
C THR F 84 -20.81 -2.25 -4.85
N GLY F 85 -19.76 -1.76 -5.52
CA GLY F 85 -19.59 -2.02 -6.96
C GLY F 85 -18.14 -2.03 -7.37
N VAL F 86 -17.87 -2.30 -8.66
CA VAL F 86 -16.51 -2.55 -9.12
C VAL F 86 -16.33 -1.92 -10.52
N ALA F 87 -15.09 -1.56 -10.85
CA ALA F 87 -14.76 -1.09 -12.19
C ALA F 87 -14.33 -2.28 -13.03
N ASN F 88 -15.26 -2.84 -13.79
CA ASN F 88 -15.03 -4.04 -14.61
C ASN F 88 -14.44 -3.58 -15.94
N GLU F 89 -13.23 -4.06 -16.25
CA GLU F 89 -12.48 -3.61 -17.42
C GLU F 89 -13.25 -3.88 -18.71
N GLU F 90 -14.24 -4.78 -18.69
CA GLU F 90 -15.03 -5.04 -19.89
C GLU F 90 -15.93 -3.85 -20.25
N PHE F 91 -16.32 -3.06 -19.24
CA PHE F 91 -17.25 -1.95 -19.42
C PHE F 91 -16.58 -0.60 -19.15
N VAL F 92 -15.41 -0.59 -18.50
CA VAL F 92 -14.76 0.64 -18.06
C VAL F 92 -13.39 0.80 -18.73
N ASP F 93 -13.16 1.98 -19.33
CA ASP F 93 -11.94 2.29 -20.08
C ASP F 93 -10.92 3.07 -19.25
N ASP F 94 -11.41 3.89 -18.31
CA ASP F 94 -10.59 4.87 -17.62
C ASP F 94 -10.97 4.85 -16.14
N ILE F 95 -10.06 4.40 -15.29
CA ILE F 95 -10.35 4.17 -13.88
C ILE F 95 -10.54 5.51 -13.16
N GLU F 96 -9.76 6.54 -13.56
CA GLU F 96 -9.84 7.83 -12.89
C GLU F 96 -11.22 8.46 -13.17
N LYS F 97 -11.72 8.36 -14.40
CA LYS F 97 -13.02 8.90 -14.76
C LYS F 97 -14.12 8.15 -14.01
N TRP F 98 -14.01 6.83 -13.90
CA TRP F 98 -14.95 6.01 -13.14
C TRP F 98 -15.00 6.46 -11.69
N LYS F 99 -13.84 6.65 -11.06
CA LYS F 99 -13.78 7.04 -9.66
C LYS F 99 -14.48 8.39 -9.46
N ASP F 100 -14.22 9.35 -10.37
CA ASP F 100 -14.89 10.64 -10.33
C ASP F 100 -16.41 10.47 -10.44
N THR F 101 -16.85 9.54 -11.30
CA THR F 101 -18.28 9.28 -11.49
C THR F 101 -18.92 8.69 -10.24
N VAL F 102 -18.22 7.74 -9.58
CA VAL F 102 -18.73 7.16 -8.35
C VAL F 102 -18.95 8.25 -7.29
N ILE F 103 -17.96 9.15 -7.13
CA ILE F 103 -18.04 10.22 -6.14
C ILE F 103 -19.24 11.13 -6.44
N LYS F 104 -19.43 11.48 -7.71
CA LYS F 104 -20.60 12.27 -8.12
C LYS F 104 -21.92 11.61 -7.73
N LEU F 105 -22.04 10.30 -8.01
CA LEU F 105 -23.27 9.57 -7.74
C LEU F 105 -23.48 9.43 -6.23
N ALA F 106 -22.39 9.26 -5.45
CA ALA F 106 -22.49 9.18 -4.00
C ALA F 106 -23.11 10.46 -3.43
N LYS F 107 -22.65 11.61 -3.90
CA LYS F 107 -23.20 12.89 -3.47
C LYS F 107 -24.68 13.02 -3.87
N GLU F 108 -25.01 12.59 -5.09
CA GLU F 108 -26.40 12.65 -5.54
C GLU F 108 -27.30 11.74 -4.68
N LEU F 109 -26.79 10.55 -4.30
CA LEU F 109 -27.59 9.67 -3.46
C LEU F 109 -27.81 10.31 -2.09
N LYS F 110 -26.78 10.97 -1.56
CA LYS F 110 -26.86 11.65 -0.28
C LYS F 110 -28.02 12.68 -0.30
N ASN F 111 -28.12 13.41 -1.41
CA ASN F 111 -29.16 14.40 -1.65
C ASN F 111 -30.55 13.75 -1.75
N GLN F 112 -30.70 12.76 -2.62
CA GLN F 112 -31.98 12.08 -2.83
C GLN F 112 -32.51 11.40 -1.56
N MET F 113 -31.61 10.87 -0.70
CA MET F 113 -32.01 10.19 0.52
C MET F 113 -32.11 11.18 1.68
N LYS F 114 -31.83 12.46 1.41
CA LYS F 114 -31.88 13.53 2.40
C LYS F 114 -31.04 13.18 3.63
N GLN F 115 -29.79 12.81 3.39
CA GLN F 115 -28.88 12.42 4.44
C GLN F 115 -27.96 13.58 4.79
N SER F 116 -27.68 13.71 6.10
CA SER F 116 -26.76 14.71 6.61
CA SER F 116 -26.76 14.70 6.63
C SER F 116 -25.32 14.33 6.28
N THR F 117 -25.02 13.01 6.34
CA THR F 117 -23.66 12.51 6.14
C THR F 117 -23.72 11.21 5.32
N LEU F 118 -22.61 10.91 4.64
CA LEU F 118 -22.49 9.73 3.79
C LEU F 118 -21.01 9.38 3.57
N THR F 119 -20.66 8.08 3.53
CA THR F 119 -19.29 7.63 3.31
C THR F 119 -19.17 6.91 1.95
N CYS F 120 -18.00 7.05 1.30
CA CYS F 120 -17.67 6.32 0.07
C CYS F 120 -16.20 5.92 0.12
N GLU F 121 -15.91 4.60 0.09
CA GLU F 121 -14.57 4.07 0.18
C GLU F 121 -14.17 3.40 -1.15
N PHE F 122 -12.87 3.44 -1.46
CA PHE F 122 -12.27 2.70 -2.57
C PHE F 122 -11.26 1.72 -2.02
N ILE F 123 -11.32 0.46 -2.53
CA ILE F 123 -10.51 -0.67 -2.07
C ILE F 123 -9.95 -1.36 -3.32
N GLU F 124 -8.65 -1.68 -3.29
CA GLU F 124 -8.00 -2.39 -4.40
C GLU F 124 -8.48 -3.84 -4.41
N THR F 125 -8.77 -4.35 -5.62
CA THR F 125 -9.33 -5.70 -5.77
C THR F 125 -8.83 -6.32 -7.06
N GLU F 126 -8.77 -7.66 -7.07
CA GLU F 126 -8.45 -8.46 -8.24
C GLU F 126 -9.75 -9.15 -8.69
N LEU F 127 -10.33 -8.67 -9.79
CA LEU F 127 -11.63 -9.08 -10.29
C LEU F 127 -11.44 -10.19 -11.32
N HIS F 128 -12.10 -11.34 -11.04
CA HIS F 128 -12.26 -12.39 -12.05
C HIS F 128 -13.71 -12.41 -12.52
N TYR F 129 -13.92 -12.28 -13.82
CA TYR F 129 -15.22 -12.18 -14.46
C TYR F 129 -15.43 -13.39 -15.35
N PHE F 130 -16.46 -14.19 -15.06
CA PHE F 130 -16.70 -15.45 -15.75
C PHE F 130 -17.95 -15.31 -16.61
N LYS F 131 -17.87 -15.76 -17.88
CA LYS F 131 -19.06 -15.87 -18.72
C LYS F 131 -19.13 -17.23 -19.46
C1 MPD G . -15.63 -16.15 9.11
C2 MPD G . -14.68 -16.56 8.00
O2 MPD G . -14.91 -17.96 7.68
CM MPD G . -13.26 -16.47 8.45
C3 MPD G . -14.88 -15.72 6.72
C4 MPD G . -14.54 -14.22 6.83
O4 MPD G . -13.21 -13.96 7.26
C5 MPD G . -14.70 -13.51 5.51
C1 MPD H . -14.06 -22.39 9.92
C2 MPD H . -14.75 -21.33 10.77
O2 MPD H . -15.98 -20.99 10.10
CM MPD H . -13.84 -20.11 10.95
C3 MPD H . -15.22 -21.90 12.11
C4 MPD H . -14.20 -21.98 13.15
O4 MPD H . -14.04 -20.71 13.74
C5 MPD H . -14.53 -23.01 14.19
C1 MPD I . 21.31 22.53 -0.58
C2 MPD I . 20.74 23.41 0.52
O2 MPD I . 20.36 24.68 -0.06
CM MPD I . 21.78 23.77 1.56
C3 MPD I . 19.52 22.74 1.16
C4 MPD I . 19.85 21.47 1.99
O4 MPD I . 20.46 21.78 3.30
C5 MPD I . 18.66 20.56 2.12
C1 MPD J . 16.65 18.01 -0.86
C2 MPD J . 15.42 17.92 -1.74
O2 MPD J . 15.60 18.84 -2.83
CM MPD J . 14.20 18.37 -0.96
C3 MPD J . 15.21 16.53 -2.34
C4 MPD J . 15.09 15.30 -1.43
O4 MPD J . 14.00 15.41 -0.51
C5 MPD J . 14.86 14.03 -2.23
C1 MPD K . 23.15 -0.11 6.77
C2 MPD K . 22.09 0.48 7.69
O2 MPD K . 22.79 1.00 8.85
CM MPD K . 21.19 -0.60 8.23
C3 MPD K . 21.25 1.60 7.05
C4 MPD K . 20.46 1.25 5.77
O4 MPD K . 19.41 0.29 6.02
C5 MPD K . 19.86 2.45 5.10
C1 MPD L . -18.81 -20.85 14.16
C2 MPD L . -18.89 -19.34 14.25
O2 MPD L . -19.12 -19.07 15.64
CM MPD L . -20.08 -18.79 13.51
C3 MPD L . -17.58 -18.68 13.82
C4 MPD L . -17.50 -17.15 13.93
O4 MPD L . -17.75 -16.65 15.27
C5 MPD L . -16.16 -16.69 13.44
C1 MPD M . -19.65 -6.67 -10.39
C2 MPD M . -20.78 -6.46 -9.40
O2 MPD M . -21.33 -7.78 -9.13
CM MPD M . -21.90 -5.63 -10.03
C3 MPD M . -20.25 -5.77 -8.14
C4 MPD M . -19.35 -6.55 -7.23
O4 MPD M . -18.03 -6.75 -7.77
C5 MPD M . -19.21 -5.84 -5.89
#